data_2PJB
#
_entry.id   2PJB
#
_cell.length_a   66.392
_cell.length_b   96.152
_cell.length_c   135.528
_cell.angle_alpha   90.00
_cell.angle_beta   90.00
_cell.angle_gamma   90.00
#
_symmetry.space_group_name_H-M   'P 21 21 21'
#
loop_
_entity.id
_entity.type
_entity.pdbx_description
1 polymer 'Carboxypeptidase B'
2 non-polymer 'ZINC ION'
3 non-polymer '(5S,9R,10R,12S)-12-[3-(AMINOMETHYL)PHENYL]-5-BENZYL-10-HYDROXY-9-ISOPROPYL-3-OXO-1-PHENYL-2-OXA-7-THIA-4,8-DIAZA-10-PHOSPHATRIDECAN-13-OIC ACID 7,7,10-TRIOXIDE'
4 water water
#
_entity_poly.entity_id   1
_entity_poly.type   'polypeptide(L)'
_entity_poly.pdbx_seq_one_letter_code
;TTGHSYEKYNNWETIEAWTKQVTSENPDLISRTAIGTTFLGNNIYLLKVGKPGPNKPAIFMDCGFHAREWISHAFCQWFV
REAVLTYGYESHMTEFLNKLDFYVLPVLNIDGYIYTWTKNRMWRKTRSTNAGTTCIGTDPNRNFDAGWCTTGASTDPCDE
TYCGSAAESEKETKALADFIRNNLSSIKAYLTIHSYSQMILYPYSYDYKLPENNAELNNLAKAAVKELATLYGTKYTYGP
GATTIYPAAGGSDDWAYDQGIKYSFTFELRDKGRYGFILPESQIQATCEETMLAIKYVTNYVLGHL
;
_entity_poly.pdbx_strand_id   A,B,C
#
loop_
_chem_comp.id
_chem_comp.type
_chem_comp.name
_chem_comp.formula
983 non-polymer '(5S,9R,10R,12S)-12-[3-(AMINOMETHYL)PHENYL]-5-BENZYL-10-HYDROXY-9-ISOPROPYL-3-OXO-1-PHENYL-2-OXA-7-THIA-4,8-DIAZA-10-PHOSPHATRIDECAN-13-OIC ACID 7,7,10-TRIOXIDE' 'C31 H40 N3 O8 P S'
ZN non-polymer 'ZINC ION' 'Zn 2'
#
# COMPACT_ATOMS: atom_id res chain seq x y z
N GLY A 3 -25.13 -25.91 10.91
CA GLY A 3 -25.52 -26.87 11.91
C GLY A 3 -24.44 -27.06 12.97
N HIS A 4 -24.86 -27.55 14.13
CA HIS A 4 -23.95 -27.76 15.26
C HIS A 4 -23.18 -29.07 15.12
N SER A 5 -21.91 -29.06 15.52
CA SER A 5 -21.13 -30.29 15.62
C SER A 5 -20.26 -30.24 16.88
N TYR A 6 -20.23 -31.34 17.62
CA TYR A 6 -19.41 -31.40 18.82
C TYR A 6 -17.92 -31.55 18.51
N GLU A 7 -17.61 -31.87 17.26
CA GLU A 7 -16.21 -32.02 16.86
C GLU A 7 -15.75 -30.95 15.89
N LYS A 8 -16.50 -29.85 15.81
CA LYS A 8 -16.02 -28.66 15.14
C LYS A 8 -16.24 -27.47 16.06
N TYR A 9 -15.52 -26.38 15.81
CA TYR A 9 -15.79 -25.14 16.53
C TYR A 9 -17.00 -24.48 15.90
N ASN A 10 -17.96 -24.08 16.74
CA ASN A 10 -19.24 -23.54 16.29
C ASN A 10 -19.29 -22.05 16.57
N ASN A 11 -19.87 -21.27 15.65
CA ASN A 11 -20.03 -19.84 15.88
C ASN A 11 -21.15 -19.61 16.90
N TRP A 12 -21.27 -18.38 17.40
CA TRP A 12 -22.21 -18.14 18.49
C TRP A 12 -23.66 -18.44 18.10
N GLU A 13 -24.04 -18.04 16.89
CA GLU A 13 -25.41 -18.29 16.43
C GLU A 13 -25.74 -19.77 16.56
N THR A 14 -24.79 -20.61 16.20
CA THR A 14 -24.95 -22.05 16.27
C THR A 14 -24.94 -22.56 17.71
N ILE A 15 -24.03 -22.05 18.52
CA ILE A 15 -23.98 -22.43 19.93
C ILE A 15 -25.28 -22.04 20.63
N GLU A 16 -25.76 -20.84 20.34
CA GLU A 16 -27.02 -20.39 20.90
C GLU A 16 -28.16 -21.33 20.52
N ALA A 17 -28.25 -21.67 19.24
CA ALA A 17 -29.31 -22.53 18.77
C ALA A 17 -29.19 -23.88 19.45
N TRP A 18 -27.94 -24.32 19.65
CA TRP A 18 -27.66 -25.55 20.36
C TRP A 18 -28.18 -25.54 21.81
N THR A 19 -27.98 -24.44 22.52
CA THR A 19 -28.42 -24.38 23.92
C THR A 19 -29.93 -24.57 24.00
N LYS A 20 -30.65 -24.06 23.02
CA LYS A 20 -32.11 -24.22 22.96
C LYS A 20 -32.47 -25.66 22.59
N GLN A 21 -31.79 -26.21 21.59
CA GLN A 21 -32.12 -27.53 21.10
C GLN A 21 -31.78 -28.62 22.12
N VAL A 22 -30.59 -28.55 22.71
CA VAL A 22 -30.16 -29.60 23.61
C VAL A 22 -31.05 -29.61 24.86
N THR A 23 -31.49 -28.43 25.27
CA THR A 23 -32.41 -28.30 26.39
C THR A 23 -33.78 -28.87 26.04
N SER A 24 -34.28 -28.54 24.86
CA SER A 24 -35.57 -29.05 24.39
C SER A 24 -35.55 -30.57 24.30
N GLU A 25 -34.39 -31.13 23.95
CA GLU A 25 -34.25 -32.57 23.75
C GLU A 25 -34.02 -33.31 25.07
N ASN A 26 -33.67 -32.57 26.12
CA ASN A 26 -33.37 -33.19 27.41
C ASN A 26 -33.93 -32.38 28.58
N PRO A 27 -35.23 -32.10 28.56
CA PRO A 27 -35.86 -31.26 29.58
C PRO A 27 -35.85 -31.89 30.97
N ASP A 28 -35.62 -33.20 31.03
CA ASP A 28 -35.54 -33.88 32.33
C ASP A 28 -34.11 -33.91 32.87
N LEU A 29 -33.20 -33.24 32.18
CA LEU A 29 -31.80 -33.19 32.61
C LEU A 29 -31.19 -31.79 32.48
N ILE A 30 -31.84 -30.93 31.71
CA ILE A 30 -31.30 -29.59 31.46
C ILE A 30 -32.39 -28.53 31.51
N SER A 31 -32.10 -27.41 32.17
CA SER A 31 -32.90 -26.21 31.99
C SER A 31 -31.99 -25.04 31.63
N ARG A 32 -32.47 -24.20 30.72
CA ARG A 32 -31.69 -23.06 30.25
C ARG A 32 -32.24 -21.76 30.81
N THR A 33 -31.36 -20.94 31.36
CA THR A 33 -31.73 -19.58 31.76
C THR A 33 -30.72 -18.60 31.17
N ALA A 34 -31.07 -17.33 31.17
CA ALA A 34 -30.11 -16.28 30.82
C ALA A 34 -29.78 -15.52 32.10
N ILE A 35 -28.49 -15.31 32.37
CA ILE A 35 -28.10 -14.63 33.60
C ILE A 35 -27.71 -13.17 33.34
N GLY A 36 -27.91 -12.72 32.11
CA GLY A 36 -27.62 -11.34 31.79
C GLY A 36 -27.38 -11.15 30.30
N THR A 37 -27.10 -9.91 29.90
CA THR A 37 -26.74 -9.61 28.53
C THR A 37 -25.30 -9.13 28.47
N THR A 38 -24.64 -9.39 27.34
CA THR A 38 -23.28 -8.90 27.12
C THR A 38 -23.33 -7.43 26.73
N PHE A 39 -22.16 -6.82 26.57
CA PHE A 39 -22.11 -5.41 26.18
C PHE A 39 -22.86 -5.16 24.87
N LEU A 40 -22.75 -6.11 23.93
CA LEU A 40 -23.40 -5.98 22.64
C LEU A 40 -24.76 -6.67 22.58
N GLY A 41 -25.30 -7.02 23.74
CA GLY A 41 -26.68 -7.47 23.79
C GLY A 41 -26.92 -8.93 23.47
N ASN A 42 -25.87 -9.74 23.52
CA ASN A 42 -26.05 -11.18 23.38
C ASN A 42 -26.45 -11.80 24.72
N ASN A 43 -27.13 -12.94 24.67
CA ASN A 43 -27.71 -13.55 25.86
C ASN A 43 -26.71 -14.50 26.51
N ILE A 44 -26.41 -14.26 27.79
CA ILE A 44 -25.47 -15.10 28.51
C ILE A 44 -26.20 -16.30 29.08
N TYR A 45 -26.21 -17.39 28.33
CA TYR A 45 -26.94 -18.58 28.72
C TYR A 45 -26.23 -19.36 29.80
N LEU A 46 -27.03 -19.95 30.68
CA LEU A 46 -26.53 -20.86 31.70
C LEU A 46 -27.37 -22.12 31.64
N LEU A 47 -26.72 -23.27 31.55
CA LEU A 47 -27.42 -24.54 31.51
C LEU A 47 -27.30 -25.23 32.86
N LYS A 48 -28.44 -25.55 33.47
CA LYS A 48 -28.45 -26.31 34.71
C LYS A 48 -28.60 -27.78 34.38
N VAL A 49 -27.50 -28.51 34.50
CA VAL A 49 -27.47 -29.90 34.05
C VAL A 49 -27.55 -30.82 35.27
N GLY A 50 -28.58 -31.65 35.30
CA GLY A 50 -28.78 -32.53 36.45
C GLY A 50 -30.21 -33.00 36.55
N LYS A 51 -30.43 -34.05 37.33
CA LYS A 51 -31.78 -34.57 37.56
C LYS A 51 -32.46 -33.67 38.58
N PRO A 52 -33.53 -32.98 38.17
CA PRO A 52 -34.14 -31.97 39.03
C PRO A 52 -34.57 -32.49 40.40
N GLY A 53 -34.39 -31.65 41.41
CA GLY A 53 -34.78 -32.00 42.76
C GLY A 53 -34.53 -30.81 43.68
N PRO A 54 -35.12 -30.80 44.88
CA PRO A 54 -34.94 -29.70 45.83
C PRO A 54 -33.63 -29.80 46.61
N ASN A 55 -33.08 -28.65 46.99
CA ASN A 55 -31.97 -28.59 47.93
C ASN A 55 -30.74 -29.35 47.44
N LYS A 56 -30.43 -29.21 46.14
CA LYS A 56 -29.26 -29.87 45.58
C LYS A 56 -28.02 -28.99 45.65
N PRO A 57 -26.88 -29.57 46.04
CA PRO A 57 -25.59 -28.89 45.89
C PRO A 57 -25.27 -28.76 44.41
N ALA A 58 -24.24 -28.01 44.09
CA ALA A 58 -23.94 -27.72 42.69
C ALA A 58 -22.46 -27.49 42.45
N ILE A 59 -22.06 -27.66 41.19
CA ILE A 59 -20.74 -27.28 40.74
C ILE A 59 -20.89 -26.31 39.58
N PHE A 60 -20.10 -25.24 39.60
CA PHE A 60 -20.20 -24.21 38.56
C PHE A 60 -18.99 -24.32 37.65
N MET A 61 -19.24 -24.41 36.35
CA MET A 61 -18.17 -24.42 35.36
C MET A 61 -18.49 -23.45 34.23
N ASP A 62 -17.51 -22.61 33.88
CA ASP A 62 -17.66 -21.73 32.73
C ASP A 62 -16.58 -21.98 31.69
N CYS A 63 -16.90 -21.66 30.45
CA CYS A 63 -15.95 -21.70 29.34
C CYS A 63 -15.98 -20.35 28.64
N GLY A 64 -14.99 -20.09 27.80
CA GLY A 64 -15.06 -18.95 26.92
C GLY A 64 -14.83 -17.59 27.57
N PHE A 65 -14.10 -17.56 28.68
CA PHE A 65 -13.68 -16.29 29.24
C PHE A 65 -12.89 -15.51 28.19
N HIS A 66 -11.92 -16.18 27.59
CA HIS A 66 -11.06 -15.56 26.61
C HIS A 66 -11.41 -16.01 25.20
N ALA A 67 -11.66 -15.04 24.33
CA ALA A 67 -12.35 -15.27 23.06
C ALA A 67 -11.64 -16.25 22.14
N ARG A 68 -10.31 -16.20 22.13
CA ARG A 68 -9.53 -16.96 21.16
C ARG A 68 -9.29 -18.40 21.61
N GLU A 69 -9.68 -18.72 22.84
CA GLU A 69 -9.43 -20.04 23.38
C GLU A 69 -10.55 -21.02 23.02
N TRP A 70 -10.66 -21.31 21.73
CA TRP A 70 -11.84 -21.98 21.18
C TRP A 70 -12.10 -23.36 21.76
N ILE A 71 -11.04 -24.06 22.17
CA ILE A 71 -11.22 -25.42 22.70
C ILE A 71 -11.96 -25.37 24.03
N SER A 72 -11.90 -24.23 24.70
CA SER A 72 -12.65 -24.02 25.94
C SER A 72 -14.15 -24.11 25.68
N HIS A 73 -14.63 -23.31 24.73
CA HIS A 73 -16.03 -23.29 24.37
C HIS A 73 -16.44 -24.70 23.95
N ALA A 74 -15.59 -25.35 23.17
CA ALA A 74 -15.89 -26.68 22.67
C ALA A 74 -16.08 -27.66 23.82
N PHE A 75 -15.30 -27.52 24.88
CA PHE A 75 -15.39 -28.47 25.97
C PHE A 75 -16.71 -28.41 26.70
N CYS A 76 -17.20 -27.21 27.00
CA CYS A 76 -18.47 -27.09 27.71
C CYS A 76 -19.59 -27.80 26.95
N GLN A 77 -19.59 -27.66 25.62
CA GLN A 77 -20.60 -28.32 24.81
C GLN A 77 -20.45 -29.84 24.89
N TRP A 78 -19.20 -30.30 24.78
CA TRP A 78 -18.91 -31.74 24.85
C TRP A 78 -19.37 -32.32 26.19
N PHE A 79 -19.14 -31.58 27.27
CA PHE A 79 -19.50 -32.02 28.62
C PHE A 79 -20.99 -32.25 28.74
N VAL A 80 -21.77 -31.32 28.20
CA VAL A 80 -23.22 -31.39 28.29
C VAL A 80 -23.73 -32.63 27.58
N ARG A 81 -23.24 -32.89 26.37
CA ARG A 81 -23.65 -34.11 25.67
C ARG A 81 -23.30 -35.38 26.45
N GLU A 82 -22.09 -35.47 26.97
CA GLU A 82 -21.69 -36.66 27.72
C GLU A 82 -22.63 -36.89 28.90
N ALA A 83 -22.96 -35.80 29.58
CA ALA A 83 -23.85 -35.88 30.73
C ALA A 83 -25.20 -36.48 30.34
N VAL A 84 -25.83 -35.92 29.31
CA VAL A 84 -27.16 -36.35 28.93
C VAL A 84 -27.18 -37.73 28.29
N LEU A 85 -26.17 -38.06 27.50
CA LEU A 85 -26.15 -39.36 26.84
C LEU A 85 -25.86 -40.52 27.79
N THR A 86 -25.02 -40.29 28.81
CA THR A 86 -24.61 -41.36 29.69
C THR A 86 -25.43 -41.47 30.98
N TYR A 87 -26.26 -40.48 31.26
CA TYR A 87 -27.09 -40.54 32.46
C TYR A 87 -27.96 -41.79 32.45
N GLY A 88 -27.92 -42.55 33.54
CA GLY A 88 -28.72 -43.77 33.64
C GLY A 88 -27.96 -45.01 33.20
N TYR A 89 -26.85 -44.81 32.51
CA TYR A 89 -26.06 -45.95 32.02
C TYR A 89 -24.69 -46.04 32.68
N GLU A 90 -23.98 -44.91 32.74
CA GLU A 90 -22.69 -44.88 33.44
C GLU A 90 -22.91 -44.48 34.88
N SER A 91 -22.50 -45.35 35.81
CA SER A 91 -22.89 -45.21 37.21
C SER A 91 -22.46 -43.89 37.84
N HIS A 92 -21.24 -43.44 37.51
CA HIS A 92 -20.73 -42.22 38.11
C HIS A 92 -21.53 -40.99 37.70
N MET A 93 -21.74 -40.81 36.39
CA MET A 93 -22.44 -39.62 35.91
C MET A 93 -23.89 -39.66 36.39
N THR A 94 -24.45 -40.86 36.50
CA THR A 94 -25.82 -41.01 36.97
C THR A 94 -25.91 -40.51 38.40
N GLU A 95 -24.93 -40.91 39.22
CA GLU A 95 -24.89 -40.47 40.61
C GLU A 95 -24.62 -38.97 40.70
N PHE A 96 -23.74 -38.46 39.85
CA PHE A 96 -23.42 -37.03 39.85
C PHE A 96 -24.68 -36.20 39.63
N LEU A 97 -25.43 -36.53 38.58
CA LEU A 97 -26.58 -35.73 38.20
C LEU A 97 -27.76 -35.95 39.13
N ASN A 98 -27.81 -37.10 39.78
CA ASN A 98 -28.84 -37.35 40.77
C ASN A 98 -28.60 -36.49 42.01
N LYS A 99 -27.34 -36.36 42.41
CA LYS A 99 -27.01 -35.75 43.69
C LYS A 99 -26.74 -34.25 43.61
N LEU A 100 -26.26 -33.79 42.45
CA LEU A 100 -25.95 -32.39 42.31
C LEU A 100 -26.31 -31.83 40.94
N ASP A 101 -26.20 -30.51 40.81
CA ASP A 101 -26.36 -29.84 39.53
C ASP A 101 -25.03 -29.29 39.05
N PHE A 102 -24.76 -29.44 37.76
CA PHE A 102 -23.68 -28.70 37.13
C PHE A 102 -24.29 -27.47 36.49
N TYR A 103 -23.88 -26.29 36.97
CA TYR A 103 -24.17 -25.07 36.24
C TYR A 103 -23.09 -24.90 35.18
N VAL A 104 -23.47 -25.04 33.92
CA VAL A 104 -22.52 -24.91 32.83
C VAL A 104 -22.79 -23.62 32.06
N LEU A 105 -21.80 -22.73 32.06
CA LEU A 105 -21.91 -21.48 31.32
C LEU A 105 -21.01 -21.61 30.10
N PRO A 106 -21.60 -21.96 28.94
CA PRO A 106 -20.84 -22.41 27.77
C PRO A 106 -19.96 -21.34 27.13
N VAL A 107 -20.42 -20.10 27.11
CA VAL A 107 -19.60 -18.98 26.64
C VAL A 107 -19.88 -17.74 27.47
N LEU A 108 -18.87 -17.27 28.21
CA LEU A 108 -19.03 -16.06 29.00
C LEU A 108 -18.83 -14.82 28.14
N ASN A 109 -17.68 -14.75 27.47
CA ASN A 109 -17.32 -13.60 26.66
C ASN A 109 -17.80 -13.80 25.22
N ILE A 110 -19.11 -13.66 25.01
CA ILE A 110 -19.71 -13.96 23.72
C ILE A 110 -19.32 -12.93 22.65
N ASP A 111 -19.26 -11.66 23.06
CA ASP A 111 -18.95 -10.59 22.13
C ASP A 111 -17.55 -10.79 21.56
N GLY A 112 -16.61 -11.14 22.44
CA GLY A 112 -15.26 -11.41 21.99
C GLY A 112 -15.22 -12.62 21.08
N TYR A 113 -15.97 -13.66 21.43
CA TYR A 113 -15.98 -14.89 20.64
C TYR A 113 -16.45 -14.61 19.23
N ILE A 114 -17.53 -13.85 19.11
CA ILE A 114 -18.05 -13.49 17.81
C ILE A 114 -16.98 -12.75 17.01
N TYR A 115 -16.24 -11.87 17.68
CA TYR A 115 -15.20 -11.10 17.00
C TYR A 115 -14.09 -11.99 16.46
N THR A 116 -13.80 -13.10 17.14
CA THR A 116 -12.78 -14.02 16.66
C THR A 116 -13.25 -14.75 15.41
N TRP A 117 -14.56 -14.80 15.20
CA TRP A 117 -15.12 -15.41 13.99
C TRP A 117 -15.23 -14.41 12.84
N THR A 118 -15.50 -13.16 13.16
CA THR A 118 -15.82 -12.18 12.12
C THR A 118 -14.65 -11.32 11.70
N LYS A 119 -13.67 -11.13 12.60
CA LYS A 119 -12.62 -10.14 12.36
C LYS A 119 -11.22 -10.56 12.76
N ASN A 120 -11.04 -11.02 13.99
CA ASN A 120 -9.70 -11.24 14.51
C ASN A 120 -9.64 -12.50 15.38
N ARG A 121 -9.07 -13.56 14.82
CA ARG A 121 -9.04 -14.87 15.45
C ARG A 121 -8.31 -14.86 16.78
N MET A 122 -7.45 -13.87 16.98
CA MET A 122 -6.61 -13.80 18.18
C MET A 122 -7.12 -12.81 19.22
N TRP A 123 -8.33 -12.31 19.05
CA TRP A 123 -8.91 -11.42 20.05
C TRP A 123 -9.06 -12.17 21.37
N ARG A 124 -8.94 -11.43 22.48
CA ARG A 124 -8.94 -12.04 23.81
C ARG A 124 -10.00 -11.43 24.73
N LYS A 125 -10.08 -10.10 24.70
CA LYS A 125 -10.86 -9.34 25.67
C LYS A 125 -12.35 -9.32 25.31
N THR A 126 -13.13 -8.59 26.10
CA THR A 126 -14.51 -8.29 25.72
C THR A 126 -14.48 -7.27 24.58
N ARG A 127 -15.64 -6.74 24.22
CA ARG A 127 -15.72 -5.78 23.14
C ARG A 127 -16.39 -4.48 23.59
N SER A 128 -16.28 -4.17 24.87
CA SER A 128 -16.89 -2.96 25.40
C SER A 128 -16.03 -1.75 25.04
N THR A 129 -16.66 -0.59 24.86
CA THR A 129 -15.93 0.63 24.59
C THR A 129 -15.36 1.20 25.88
N ASN A 130 -14.36 2.08 25.73
CA ASN A 130 -13.70 2.69 26.87
C ASN A 130 -13.65 4.20 26.67
N ALA A 131 -14.01 4.96 27.70
CA ALA A 131 -14.07 6.40 27.56
C ALA A 131 -12.70 6.97 27.25
N GLY A 132 -12.65 7.98 26.39
CA GLY A 132 -11.42 8.68 26.13
C GLY A 132 -10.46 8.00 25.19
N THR A 133 -10.87 6.86 24.63
CA THR A 133 -10.01 6.13 23.70
C THR A 133 -10.81 5.34 22.67
N THR A 134 -10.16 5.00 21.56
CA THR A 134 -10.74 4.12 20.56
C THR A 134 -10.49 2.65 20.90
N CYS A 135 -9.61 2.41 21.88
CA CYS A 135 -9.26 1.05 22.23
C CYS A 135 -10.44 0.31 22.84
N ILE A 136 -10.57 -0.97 22.50
CA ILE A 136 -11.74 -1.74 22.87
C ILE A 136 -11.39 -2.85 23.85
N GLY A 137 -12.24 -3.03 24.86
CA GLY A 137 -12.29 -4.30 25.56
C GLY A 137 -11.55 -4.36 26.88
N THR A 138 -12.07 -5.22 27.76
CA THR A 138 -11.49 -5.47 29.07
C THR A 138 -11.17 -6.96 29.18
N ASP A 139 -10.05 -7.30 29.81
CA ASP A 139 -9.73 -8.70 30.09
C ASP A 139 -10.63 -9.19 31.22
N PRO A 140 -11.57 -10.10 30.93
CA PRO A 140 -12.50 -10.54 31.98
C PRO A 140 -11.82 -11.22 33.16
N ASN A 141 -10.67 -11.86 32.91
CA ASN A 141 -9.97 -12.58 33.98
C ASN A 141 -9.02 -11.66 34.75
N ARG A 142 -9.19 -10.36 34.58
CA ARG A 142 -8.56 -9.36 35.44
C ARG A 142 -9.62 -8.46 36.04
N ASN A 143 -10.89 -8.80 35.83
CA ASN A 143 -11.99 -7.88 36.15
C ASN A 143 -12.75 -8.24 37.43
N PHE A 144 -12.28 -9.25 38.15
CA PHE A 144 -12.97 -9.67 39.38
C PHE A 144 -12.37 -9.04 40.63
N ASP A 145 -13.17 -9.00 41.69
CA ASP A 145 -12.77 -8.33 42.92
C ASP A 145 -11.85 -9.23 43.74
N ALA A 146 -10.66 -9.50 43.20
CA ALA A 146 -9.67 -10.31 43.88
C ALA A 146 -8.29 -9.67 43.72
N GLY A 147 -7.92 -8.86 44.71
CA GLY A 147 -6.71 -8.07 44.59
C GLY A 147 -6.75 -7.25 43.31
N TRP A 148 -7.95 -6.76 42.97
CA TRP A 148 -8.22 -6.20 41.65
C TRP A 148 -7.15 -5.22 41.15
N CYS A 149 -6.58 -5.55 40.01
CA CYS A 149 -5.63 -4.72 39.26
C CYS A 149 -4.31 -4.40 39.96
N THR A 150 -3.99 -5.15 41.02
CA THR A 150 -2.77 -4.85 41.77
C THR A 150 -1.51 -5.47 41.17
N THR A 151 -1.66 -6.49 40.33
CA THR A 151 -0.51 -7.12 39.70
C THR A 151 -0.90 -7.96 38.49
N GLY A 152 -0.01 -8.01 37.51
CA GLY A 152 -0.23 -8.84 36.34
C GLY A 152 -1.36 -8.32 35.47
N ALA A 153 -1.69 -7.05 35.64
CA ALA A 153 -2.79 -6.43 34.90
C ALA A 153 -2.39 -5.04 34.44
N SER A 154 -3.12 -4.52 33.46
CA SER A 154 -2.85 -3.17 32.97
C SER A 154 -4.03 -2.24 33.28
N THR A 155 -3.73 -0.97 33.51
CA THR A 155 -4.78 0.03 33.70
C THR A 155 -5.07 0.73 32.38
N ASP A 156 -4.48 0.25 31.29
CA ASP A 156 -4.61 0.88 29.97
C ASP A 156 -5.59 0.09 29.10
N PRO A 157 -6.67 0.73 28.64
CA PRO A 157 -7.67 0.06 27.82
C PRO A 157 -7.12 -0.55 26.54
N CYS A 158 -5.96 -0.08 26.10
CA CYS A 158 -5.37 -0.55 24.86
C CYS A 158 -4.59 -1.86 25.02
N ASP A 159 -4.43 -2.30 26.27
CA ASP A 159 -3.64 -3.51 26.55
C ASP A 159 -4.50 -4.74 26.72
N GLU A 160 -3.91 -5.91 26.43
CA GLU A 160 -4.63 -7.17 26.44
C GLU A 160 -5.01 -7.65 27.84
N THR A 161 -4.40 -7.07 28.86
CA THR A 161 -4.74 -7.43 30.23
C THR A 161 -5.38 -6.27 30.99
N TYR A 162 -6.04 -5.37 30.26
CA TYR A 162 -6.74 -4.26 30.89
C TYR A 162 -7.70 -4.78 31.95
N CYS A 163 -7.62 -4.23 33.15
CA CYS A 163 -8.38 -4.76 34.27
C CYS A 163 -9.77 -4.12 34.37
N GLY A 164 -10.03 -3.15 33.51
CA GLY A 164 -11.33 -2.50 33.50
C GLY A 164 -11.33 -1.21 34.29
N SER A 165 -12.44 -0.48 34.23
CA SER A 165 -12.57 0.77 34.97
C SER A 165 -12.74 0.51 36.46
N ALA A 166 -13.18 -0.71 36.78
CA ALA A 166 -13.36 -1.13 38.16
C ALA A 166 -13.69 -2.61 38.16
N ALA A 167 -13.55 -3.27 39.30
CA ALA A 167 -13.95 -4.66 39.42
C ALA A 167 -15.42 -4.80 38.97
N GLU A 168 -15.67 -5.79 38.12
CA GLU A 168 -17.01 -6.09 37.63
C GLU A 168 -17.62 -4.97 36.80
N SER A 169 -16.76 -4.17 36.18
CA SER A 169 -17.20 -3.12 35.27
C SER A 169 -17.84 -3.71 34.02
N GLU A 170 -17.47 -4.95 33.68
CA GLU A 170 -18.02 -5.61 32.51
C GLU A 170 -19.34 -6.29 32.86
N LYS A 171 -20.34 -6.13 32.01
CA LYS A 171 -21.65 -6.73 32.26
C LYS A 171 -21.53 -8.25 32.42
N GLU A 172 -20.64 -8.86 31.66
CA GLU A 172 -20.51 -10.31 31.67
C GLU A 172 -19.95 -10.81 33.00
N THR A 173 -18.92 -10.13 33.50
CA THR A 173 -18.33 -10.55 34.76
C THR A 173 -19.25 -10.21 35.93
N LYS A 174 -19.92 -9.07 35.85
CA LYS A 174 -20.96 -8.72 36.84
C LYS A 174 -22.05 -9.79 36.87
N ALA A 175 -22.48 -10.25 35.70
CA ALA A 175 -23.54 -11.24 35.62
C ALA A 175 -23.10 -12.55 36.30
N LEU A 176 -21.86 -12.96 36.04
CA LEU A 176 -21.35 -14.22 36.58
C LEU A 176 -21.21 -14.11 38.10
N ALA A 177 -20.61 -13.01 38.57
CA ALA A 177 -20.43 -12.79 39.99
C ALA A 177 -21.78 -12.71 40.71
N ASP A 178 -22.74 -12.02 40.10
CA ASP A 178 -24.07 -11.90 40.68
C ASP A 178 -24.70 -13.27 40.88
N PHE A 179 -24.57 -14.13 39.86
CA PHE A 179 -25.18 -15.45 39.93
C PHE A 179 -24.56 -16.30 41.04
N ILE A 180 -23.23 -16.31 41.09
CA ILE A 180 -22.54 -17.09 42.10
C ILE A 180 -22.83 -16.55 43.50
N ARG A 181 -22.82 -15.23 43.64
CA ARG A 181 -23.16 -14.63 44.93
C ARG A 181 -24.57 -15.02 45.39
N ASN A 182 -25.48 -15.20 44.44
CA ASN A 182 -26.87 -15.53 44.76
C ASN A 182 -27.05 -17.01 45.08
N ASN A 183 -26.02 -17.82 44.82
CA ASN A 183 -26.13 -19.26 44.98
C ASN A 183 -24.96 -19.85 45.76
N LEU A 184 -24.36 -19.05 46.64
CA LEU A 184 -23.20 -19.50 47.40
C LEU A 184 -23.48 -20.71 48.27
N SER A 185 -24.71 -20.82 48.78
CA SER A 185 -25.05 -21.92 49.68
C SER A 185 -24.98 -23.27 48.98
N SER A 186 -25.16 -23.28 47.67
CA SER A 186 -25.22 -24.54 46.94
C SER A 186 -23.93 -24.86 46.17
N ILE A 187 -23.23 -23.83 45.72
CA ILE A 187 -22.04 -24.06 44.89
C ILE A 187 -20.85 -24.53 45.71
N LYS A 188 -20.37 -25.74 45.43
CA LYS A 188 -19.29 -26.35 46.21
C LYS A 188 -17.96 -26.32 45.47
N ALA A 189 -17.99 -26.16 44.16
CA ALA A 189 -16.76 -26.03 43.39
C ALA A 189 -16.93 -25.09 42.20
N TYR A 190 -15.84 -24.42 41.84
CA TYR A 190 -15.85 -23.51 40.70
C TYR A 190 -14.74 -23.92 39.73
N LEU A 191 -15.11 -24.16 38.48
CA LEU A 191 -14.18 -24.62 37.47
C LEU A 191 -14.24 -23.67 36.28
N THR A 192 -13.09 -23.13 35.88
CA THR A 192 -13.08 -22.19 34.77
C THR A 192 -12.10 -22.66 33.69
N ILE A 193 -12.60 -22.81 32.48
CA ILE A 193 -11.86 -23.50 31.42
C ILE A 193 -11.20 -22.51 30.46
N HIS A 194 -9.88 -22.65 30.32
CA HIS A 194 -9.08 -21.83 29.41
C HIS A 194 -8.21 -22.76 28.55
N SER A 195 -7.48 -22.17 27.60
CA SER A 195 -6.36 -22.84 26.93
C SER A 195 -5.34 -21.76 26.61
N TYR A 196 -4.09 -22.13 26.28
CA TYR A 196 -3.59 -23.49 26.29
C TYR A 196 -2.48 -23.59 27.35
N SER A 197 -1.90 -24.79 27.49
CA SER A 197 -0.70 -25.04 28.29
C SER A 197 -0.73 -26.34 29.08
N GLN A 198 -1.91 -26.97 29.12
CA GLN A 198 -2.08 -28.22 29.84
C GLN A 198 -1.66 -28.07 31.30
N MET A 199 -2.48 -27.34 32.05
CA MET A 199 -2.28 -27.15 33.48
C MET A 199 -3.60 -27.24 34.22
N ILE A 200 -3.52 -27.54 35.51
CA ILE A 200 -4.62 -27.27 36.45
C ILE A 200 -4.10 -26.30 37.51
N LEU A 201 -4.68 -25.10 37.56
CA LEU A 201 -4.26 -24.10 38.55
C LEU A 201 -5.27 -23.99 39.68
N TYR A 202 -4.78 -23.70 40.88
CA TYR A 202 -5.64 -23.33 42.00
C TYR A 202 -5.05 -22.09 42.70
N PRO A 203 -5.83 -21.46 43.60
CA PRO A 203 -5.39 -20.20 44.22
C PRO A 203 -4.05 -20.32 44.95
N TYR A 204 -3.33 -19.22 45.10
CA TYR A 204 -3.77 -17.91 44.62
C TYR A 204 -2.97 -17.44 43.42
N SER A 205 -3.58 -16.58 42.62
CA SER A 205 -2.88 -15.95 41.51
C SER A 205 -2.58 -14.48 41.77
N TYR A 206 -3.41 -13.82 42.58
CA TYR A 206 -3.19 -12.39 42.82
C TYR A 206 -2.09 -12.13 43.84
N ASP A 207 -1.64 -13.18 44.51
CA ASP A 207 -0.55 -13.08 45.46
C ASP A 207 0.12 -14.44 45.64
N TYR A 208 1.33 -14.45 46.19
CA TYR A 208 2.08 -15.70 46.35
C TYR A 208 1.65 -16.49 47.58
N LYS A 209 0.82 -15.88 48.42
CA LYS A 209 0.30 -16.58 49.59
C LYS A 209 -0.51 -17.81 49.17
N LEU A 210 -0.64 -18.77 50.07
CA LEU A 210 -1.31 -20.03 49.76
C LEU A 210 -2.67 -20.14 50.44
N PRO A 211 -3.62 -20.81 49.79
CA PRO A 211 -4.95 -21.02 50.38
C PRO A 211 -4.87 -21.95 51.59
N GLU A 212 -5.79 -21.76 52.53
CA GLU A 212 -5.82 -22.55 53.75
C GLU A 212 -5.78 -24.05 53.48
N ASN A 213 -6.45 -24.49 52.42
CA ASN A 213 -6.51 -25.92 52.09
C ASN A 213 -5.63 -26.27 50.90
N ASN A 214 -4.46 -25.64 50.81
CA ASN A 214 -3.62 -25.81 49.62
C ASN A 214 -3.08 -27.24 49.49
N ALA A 215 -2.87 -27.92 50.61
CA ALA A 215 -2.39 -29.30 50.55
C ALA A 215 -3.44 -30.19 49.88
N GLU A 216 -4.69 -29.99 50.27
CA GLU A 216 -5.81 -30.74 49.68
C GLU A 216 -5.95 -30.41 48.20
N LEU A 217 -5.91 -29.12 47.86
CA LEU A 217 -6.03 -28.72 46.46
C LEU A 217 -4.89 -29.28 45.63
N ASN A 218 -3.68 -29.29 46.19
CA ASN A 218 -2.54 -29.85 45.47
C ASN A 218 -2.76 -31.34 45.22
N ASN A 219 -3.22 -32.04 46.26
CA ASN A 219 -3.44 -33.48 46.15
C ASN A 219 -4.55 -33.77 45.14
N LEU A 220 -5.57 -32.92 45.15
CA LEU A 220 -6.69 -33.08 44.23
C LEU A 220 -6.24 -32.84 42.79
N ALA A 221 -5.44 -31.79 42.59
CA ALA A 221 -4.97 -31.46 41.24
C ALA A 221 -4.04 -32.55 40.71
N LYS A 222 -3.17 -33.06 41.58
CA LYS A 222 -2.24 -34.11 41.19
C LYS A 222 -2.99 -35.35 40.74
N ALA A 223 -4.05 -35.70 41.46
CA ALA A 223 -4.84 -36.87 41.14
C ALA A 223 -5.59 -36.65 39.83
N ALA A 224 -6.09 -35.43 39.66
CA ALA A 224 -6.84 -35.09 38.45
C ALA A 224 -5.97 -35.16 37.21
N VAL A 225 -4.72 -34.72 37.31
CA VAL A 225 -3.81 -34.78 36.16
C VAL A 225 -3.38 -36.22 35.88
N LYS A 226 -3.18 -37.00 36.92
CA LYS A 226 -2.87 -38.41 36.75
C LYS A 226 -4.00 -39.09 35.99
N GLU A 227 -5.23 -38.81 36.40
CA GLU A 227 -6.40 -39.44 35.80
C GLU A 227 -6.54 -39.02 34.34
N LEU A 228 -6.32 -37.74 34.07
CA LEU A 228 -6.42 -37.23 32.70
C LEU A 228 -5.44 -37.96 31.79
N ALA A 229 -4.23 -38.22 32.29
CA ALA A 229 -3.18 -38.84 31.49
C ALA A 229 -3.48 -40.29 31.11
N THR A 230 -4.39 -40.95 31.83
CA THR A 230 -4.63 -42.37 31.63
C THR A 230 -5.20 -42.69 30.25
N LEU A 231 -5.88 -41.73 29.65
CA LEU A 231 -6.60 -41.98 28.40
C LEU A 231 -5.68 -41.95 27.18
N TYR A 232 -4.94 -40.86 27.03
CA TYR A 232 -4.12 -40.66 25.84
C TYR A 232 -2.66 -40.30 26.15
N GLY A 233 -2.32 -40.25 27.44
CA GLY A 233 -0.94 -39.98 27.82
C GLY A 233 -0.60 -38.49 27.90
N THR A 234 -1.61 -37.64 27.78
CA THR A 234 -1.39 -36.20 27.79
C THR A 234 -0.91 -35.72 29.15
N LYS A 235 0.18 -34.97 29.16
CA LYS A 235 0.80 -34.54 30.42
C LYS A 235 0.44 -33.13 30.83
N TYR A 236 -0.18 -33.00 32.00
CA TYR A 236 -0.49 -31.70 32.58
C TYR A 236 0.47 -31.43 33.73
N THR A 237 0.72 -30.16 34.01
CA THR A 237 1.35 -29.76 35.25
C THR A 237 0.33 -29.01 36.10
N TYR A 238 0.66 -28.72 37.36
CA TYR A 238 -0.32 -28.11 38.25
C TYR A 238 0.35 -27.36 39.40
N GLY A 239 -0.43 -26.50 40.05
CA GLY A 239 0.07 -25.77 41.19
C GLY A 239 -0.71 -24.48 41.42
N PRO A 240 -0.28 -23.66 42.39
CA PRO A 240 -0.87 -22.35 42.61
C PRO A 240 -0.66 -21.48 41.36
N GLY A 241 -1.66 -20.67 41.03
CA GLY A 241 -1.57 -19.87 39.82
C GLY A 241 -0.32 -19.01 39.75
N ALA A 242 0.00 -18.34 40.86
CA ALA A 242 1.06 -17.34 40.86
C ALA A 242 2.42 -17.92 40.50
N THR A 243 2.70 -19.14 40.93
CA THR A 243 3.99 -19.77 40.66
C THR A 243 3.95 -20.68 39.44
N THR A 244 2.76 -21.10 39.03
CA THR A 244 2.64 -22.05 37.93
C THR A 244 2.56 -21.35 36.58
N ILE A 245 1.97 -20.16 36.57
CA ILE A 245 2.10 -19.27 35.43
C ILE A 245 2.81 -17.99 35.85
N TYR A 246 2.07 -17.10 36.49
CA TYR A 246 2.63 -15.83 36.95
C TYR A 246 1.54 -15.10 37.73
N PRO A 247 1.94 -14.25 38.69
CA PRO A 247 0.95 -13.49 39.46
C PRO A 247 0.02 -12.68 38.54
N ALA A 248 -1.29 -12.87 38.72
CA ALA A 248 -2.27 -12.18 37.88
C ALA A 248 -3.54 -11.92 38.68
N ALA A 249 -3.76 -10.66 39.05
CA ALA A 249 -4.86 -10.30 39.93
C ALA A 249 -6.20 -10.22 39.18
N GLY A 250 -7.29 -10.30 39.93
CA GLY A 250 -8.60 -10.11 39.35
C GLY A 250 -9.17 -11.36 38.70
N GLY A 251 -8.59 -12.51 39.00
CA GLY A 251 -9.05 -13.76 38.42
C GLY A 251 -10.32 -14.30 39.06
N SER A 252 -11.18 -14.92 38.25
CA SER A 252 -12.46 -15.42 38.74
C SER A 252 -12.27 -16.60 39.69
N ASP A 253 -11.21 -17.38 39.51
CA ASP A 253 -10.99 -18.50 40.39
C ASP A 253 -10.60 -18.05 41.79
N ASP A 254 -9.70 -17.06 41.88
CA ASP A 254 -9.34 -16.49 43.17
C ASP A 254 -10.55 -15.85 43.86
N TRP A 255 -11.37 -15.15 43.07
CA TRP A 255 -12.55 -14.48 43.62
C TRP A 255 -13.55 -15.51 44.16
N ALA A 256 -13.80 -16.56 43.39
CA ALA A 256 -14.74 -17.59 43.81
C ALA A 256 -14.25 -18.24 45.10
N TYR A 257 -12.96 -18.53 45.16
CA TYR A 257 -12.40 -19.16 46.36
C TYR A 257 -12.61 -18.27 47.58
N ASP A 258 -12.34 -16.97 47.43
CA ASP A 258 -12.48 -16.05 48.55
C ASP A 258 -13.95 -15.76 48.88
N GLN A 259 -14.85 -16.28 48.05
CA GLN A 259 -16.28 -16.26 48.37
C GLN A 259 -16.64 -17.43 49.29
N GLY A 260 -15.72 -18.37 49.44
CA GLY A 260 -15.98 -19.53 50.27
C GLY A 260 -16.13 -20.81 49.49
N ILE A 261 -15.92 -20.74 48.18
CA ILE A 261 -15.94 -21.93 47.34
C ILE A 261 -14.56 -22.58 47.38
N LYS A 262 -14.45 -23.66 48.14
CA LYS A 262 -13.16 -24.19 48.57
C LYS A 262 -12.43 -24.96 47.48
N TYR A 263 -13.20 -25.45 46.52
CA TYR A 263 -12.61 -26.12 45.37
C TYR A 263 -12.76 -25.23 44.14
N SER A 264 -11.67 -24.54 43.80
CA SER A 264 -11.68 -23.58 42.70
C SER A 264 -10.45 -23.83 41.83
N PHE A 265 -10.68 -24.11 40.56
CA PHE A 265 -9.62 -24.51 39.65
C PHE A 265 -9.74 -23.78 38.32
N THR A 266 -8.59 -23.39 37.76
CA THR A 266 -8.50 -23.00 36.36
C THR A 266 -7.87 -24.14 35.57
N PHE A 267 -8.54 -24.54 34.49
CA PHE A 267 -7.97 -25.53 33.58
C PHE A 267 -7.39 -24.84 32.35
N GLU A 268 -6.19 -25.26 31.95
CA GLU A 268 -5.60 -24.86 30.68
C GLU A 268 -5.49 -26.11 29.82
N LEU A 269 -6.30 -26.21 28.77
CA LEU A 269 -6.36 -27.42 27.96
C LEU A 269 -5.21 -27.48 26.94
N ARG A 270 -5.29 -28.39 25.98
CA ARG A 270 -4.24 -28.56 24.98
C ARG A 270 -4.09 -27.29 24.14
N ASP A 271 -2.93 -27.08 23.51
CA ASP A 271 -1.76 -27.94 23.71
C ASP A 271 -0.68 -27.20 24.50
N LYS A 272 0.58 -27.40 24.10
CA LYS A 272 1.69 -26.75 24.78
C LYS A 272 2.32 -25.67 23.91
N GLY A 273 1.69 -25.39 22.77
CA GLY A 273 2.13 -24.28 21.94
C GLY A 273 2.42 -24.60 20.49
N ARG A 274 2.37 -25.88 20.14
CA ARG A 274 2.54 -26.27 18.73
C ARG A 274 1.51 -25.53 17.89
N TYR A 275 0.24 -25.65 18.29
CA TYR A 275 -0.84 -24.92 17.64
C TYR A 275 -1.37 -23.79 18.52
N GLY A 276 -1.11 -23.88 19.81
CA GLY A 276 -1.53 -22.82 20.72
C GLY A 276 -3.03 -22.68 20.78
N PHE A 277 -3.52 -21.47 20.54
CA PHE A 277 -4.95 -21.19 20.55
C PHE A 277 -5.64 -21.79 19.33
N ILE A 278 -4.88 -22.04 18.28
CA ILE A 278 -5.46 -22.51 17.03
C ILE A 278 -5.40 -24.05 16.99
N LEU A 279 -5.90 -24.68 18.05
CA LEU A 279 -5.92 -26.12 18.14
C LEU A 279 -6.82 -26.68 17.04
N PRO A 280 -6.30 -27.60 16.23
CA PRO A 280 -7.10 -28.14 15.13
C PRO A 280 -8.33 -28.89 15.61
N GLU A 281 -9.40 -28.84 14.83
CA GLU A 281 -10.63 -29.51 15.22
C GLU A 281 -10.39 -31.01 15.41
N SER A 282 -9.33 -31.51 14.79
CA SER A 282 -9.00 -32.93 14.86
C SER A 282 -8.52 -33.33 16.26
N GLN A 283 -8.33 -32.36 17.14
CA GLN A 283 -7.96 -32.67 18.51
C GLN A 283 -9.08 -32.38 19.50
N ILE A 284 -10.21 -31.88 19.01
CA ILE A 284 -11.33 -31.59 19.89
C ILE A 284 -11.79 -32.81 20.69
N GLN A 285 -12.04 -33.92 20.01
CA GLN A 285 -12.56 -35.12 20.68
C GLN A 285 -11.63 -35.64 21.78
N ALA A 286 -10.36 -35.83 21.44
CA ALA A 286 -9.40 -36.39 22.39
C ALA A 286 -9.18 -35.43 23.56
N THR A 287 -9.03 -34.14 23.26
CA THR A 287 -8.89 -33.15 24.30
C THR A 287 -10.08 -33.16 25.26
N CYS A 288 -11.28 -33.19 24.72
CA CYS A 288 -12.47 -33.14 25.55
C CYS A 288 -12.63 -34.42 26.36
N GLU A 289 -12.30 -35.56 25.76
CA GLU A 289 -12.48 -36.84 26.43
C GLU A 289 -11.56 -36.96 27.66
N GLU A 290 -10.30 -36.59 27.50
CA GLU A 290 -9.37 -36.66 28.62
C GLU A 290 -9.74 -35.62 29.68
N THR A 291 -10.18 -34.45 29.25
CA THR A 291 -10.58 -33.41 30.20
C THR A 291 -11.79 -33.88 31.01
N MET A 292 -12.71 -34.59 30.36
CA MET A 292 -13.87 -35.15 31.06
C MET A 292 -13.43 -35.99 32.26
N LEU A 293 -12.35 -36.76 32.10
CA LEU A 293 -11.92 -37.65 33.16
C LEU A 293 -11.49 -36.86 34.39
N ALA A 294 -10.82 -35.72 34.16
CA ALA A 294 -10.35 -34.88 35.25
C ALA A 294 -11.51 -34.16 35.92
N ILE A 295 -12.46 -33.69 35.12
CA ILE A 295 -13.62 -33.00 35.67
C ILE A 295 -14.47 -33.96 36.48
N LYS A 296 -14.71 -35.16 35.95
CA LYS A 296 -15.48 -36.16 36.68
C LYS A 296 -14.75 -36.60 37.95
N TYR A 297 -13.43 -36.69 37.89
CA TYR A 297 -12.67 -37.06 39.07
C TYR A 297 -12.88 -36.03 40.18
N VAL A 298 -12.76 -34.75 39.83
CA VAL A 298 -12.95 -33.68 40.78
C VAL A 298 -14.37 -33.67 41.34
N THR A 299 -15.34 -33.90 40.46
CA THR A 299 -16.74 -33.94 40.87
C THR A 299 -16.96 -35.07 41.88
N ASN A 300 -16.39 -36.23 41.59
CA ASN A 300 -16.57 -37.38 42.46
C ASN A 300 -15.97 -37.10 43.84
N TYR A 301 -14.81 -36.45 43.84
CA TYR A 301 -14.16 -36.08 45.09
C TYR A 301 -15.03 -35.09 45.87
N VAL A 302 -15.47 -34.04 45.20
CA VAL A 302 -16.24 -33.00 45.87
C VAL A 302 -17.53 -33.57 46.47
N LEU A 303 -18.21 -34.42 45.71
CA LEU A 303 -19.42 -35.07 46.20
C LEU A 303 -19.13 -35.95 47.42
N GLY A 304 -18.00 -36.63 47.40
CA GLY A 304 -17.68 -37.54 48.49
C GLY A 304 -17.23 -36.80 49.74
N HIS A 305 -17.05 -35.49 49.63
CA HIS A 305 -16.57 -34.67 50.73
C HIS A 305 -17.52 -33.52 51.05
N LEU A 306 -18.83 -33.78 50.94
CA LEU A 306 -19.83 -32.77 51.25
C LEU A 306 -20.05 -32.65 52.75
N THR B 2 7.92 -12.02 21.73
CA THR B 2 9.33 -11.90 21.40
C THR B 2 9.88 -10.52 21.80
N GLY B 3 11.11 -10.50 22.30
CA GLY B 3 11.69 -9.25 22.77
C GLY B 3 11.96 -8.28 21.64
N HIS B 4 11.89 -6.99 21.95
CA HIS B 4 12.11 -5.93 20.96
C HIS B 4 13.60 -5.70 20.75
N SER B 5 13.98 -5.46 19.49
CA SER B 5 15.33 -5.01 19.17
C SER B 5 15.24 -3.93 18.10
N TYR B 6 16.08 -2.91 18.23
CA TYR B 6 16.07 -1.83 17.25
C TYR B 6 16.86 -2.20 15.98
N GLU B 7 17.61 -3.30 16.06
CA GLU B 7 18.34 -3.78 14.88
C GLU B 7 17.82 -5.10 14.36
N LYS B 8 16.58 -5.41 14.70
CA LYS B 8 15.86 -6.50 14.03
C LYS B 8 14.49 -6.00 13.64
N TYR B 9 13.89 -6.63 12.63
CA TYR B 9 12.51 -6.30 12.29
C TYR B 9 11.59 -7.00 13.29
N ASN B 10 10.67 -6.25 13.87
CA ASN B 10 9.82 -6.75 14.95
C ASN B 10 8.40 -6.96 14.44
N ASN B 11 7.76 -8.04 14.86
CA ASN B 11 6.37 -8.25 14.47
C ASN B 11 5.46 -7.27 15.21
N TRP B 12 4.20 -7.19 14.81
CA TRP B 12 3.31 -6.19 15.41
C TRP B 12 3.18 -6.37 16.92
N GLU B 13 2.99 -7.60 17.37
CA GLU B 13 2.84 -7.83 18.79
C GLU B 13 4.01 -7.21 19.54
N THR B 14 5.22 -7.40 19.02
CA THR B 14 6.42 -6.85 19.63
C THR B 14 6.46 -5.32 19.54
N ILE B 15 6.11 -4.77 18.37
CA ILE B 15 6.08 -3.32 18.22
C ILE B 15 5.07 -2.69 19.18
N GLU B 16 3.90 -3.31 19.29
CA GLU B 16 2.88 -2.84 20.21
C GLU B 16 3.39 -2.84 21.66
N ALA B 17 3.96 -3.95 22.09
CA ALA B 17 4.49 -4.03 23.45
C ALA B 17 5.56 -2.96 23.63
N TRP B 18 6.31 -2.70 22.57
CA TRP B 18 7.34 -1.67 22.61
C TRP B 18 6.76 -0.28 22.83
N THR B 19 5.66 0.02 22.15
CA THR B 19 5.07 1.36 22.29
C THR B 19 4.68 1.59 23.74
N LYS B 20 4.20 0.54 24.40
CA LYS B 20 3.82 0.64 25.81
C LYS B 20 5.04 0.81 26.70
N GLN B 21 6.06 0.00 26.47
CA GLN B 21 7.26 0.02 27.31
C GLN B 21 8.00 1.34 27.18
N VAL B 22 8.28 1.77 25.96
CA VAL B 22 9.04 3.00 25.76
C VAL B 22 8.28 4.20 26.34
N THR B 23 6.96 4.16 26.28
CA THR B 23 6.13 5.20 26.86
C THR B 23 6.17 5.15 28.40
N SER B 24 6.04 3.95 28.96
CA SER B 24 6.09 3.80 30.40
C SER B 24 7.42 4.30 30.95
N GLU B 25 8.49 4.05 30.22
CA GLU B 25 9.83 4.41 30.65
C GLU B 25 10.13 5.90 30.48
N ASN B 26 9.31 6.57 29.68
CA ASN B 26 9.57 7.98 29.36
C ASN B 26 8.29 8.82 29.32
N PRO B 27 7.48 8.77 30.39
CA PRO B 27 6.21 9.51 30.37
C PRO B 27 6.41 11.01 30.32
N ASP B 28 7.61 11.46 30.67
CA ASP B 28 7.93 12.89 30.65
C ASP B 28 8.26 13.38 29.24
N LEU B 29 8.39 12.46 28.30
CA LEU B 29 8.76 12.80 26.92
C LEU B 29 7.81 12.19 25.89
N ILE B 30 7.09 11.14 26.27
CA ILE B 30 6.22 10.41 25.35
C ILE B 30 4.83 10.17 25.95
N SER B 31 3.79 10.47 25.17
CA SER B 31 2.45 9.99 25.49
C SER B 31 1.93 9.13 24.35
N ARG B 32 1.29 8.02 24.70
CA ARG B 32 0.73 7.14 23.68
C ARG B 32 -0.79 7.26 23.64
N THR B 33 -1.32 7.45 22.44
CA THR B 33 -2.76 7.32 22.22
C THR B 33 -3.01 6.36 21.08
N ALA B 34 -4.26 5.96 20.89
CA ALA B 34 -4.67 5.31 19.66
C ALA B 34 -5.59 6.27 18.92
N ILE B 35 -5.42 6.37 17.61
CA ILE B 35 -6.22 7.30 16.84
C ILE B 35 -7.33 6.58 16.08
N GLY B 36 -7.46 5.28 16.33
CA GLY B 36 -8.49 4.50 15.67
C GLY B 36 -8.14 3.03 15.66
N THR B 37 -8.96 2.24 14.96
CA THR B 37 -8.71 0.80 14.86
C THR B 37 -8.58 0.42 13.38
N THR B 38 -7.79 -0.61 13.11
CA THR B 38 -7.64 -1.12 11.74
C THR B 38 -8.86 -1.94 11.35
N PHE B 39 -8.91 -2.34 10.08
CA PHE B 39 -9.98 -3.20 9.59
C PHE B 39 -10.11 -4.46 10.45
N LEU B 40 -8.97 -5.00 10.90
CA LEU B 40 -8.96 -6.22 11.69
C LEU B 40 -8.97 -5.95 13.21
N GLY B 41 -9.15 -4.69 13.59
CA GLY B 41 -9.35 -4.38 14.99
C GLY B 41 -8.09 -4.16 15.81
N ASN B 42 -6.97 -3.95 15.14
CA ASN B 42 -5.73 -3.62 15.83
C ASN B 42 -5.70 -2.13 16.16
N ASN B 43 -4.95 -1.75 17.19
CA ASN B 43 -4.94 -0.36 17.65
C ASN B 43 -3.89 0.47 16.90
N ILE B 44 -4.33 1.56 16.29
CA ILE B 44 -3.42 2.44 15.54
C ILE B 44 -2.78 3.42 16.51
N TYR B 45 -1.61 3.08 17.02
CA TYR B 45 -0.96 3.89 18.03
C TYR B 45 -0.28 5.11 17.44
N LEU B 46 -0.31 6.19 18.22
CA LEU B 46 0.43 7.40 17.88
C LEU B 46 1.24 7.80 19.11
N LEU B 47 2.52 8.10 18.90
CA LEU B 47 3.37 8.54 19.99
C LEU B 47 3.67 10.03 19.87
N LYS B 48 3.27 10.78 20.88
CA LYS B 48 3.56 12.21 20.94
C LYS B 48 4.87 12.39 21.71
N VAL B 49 5.92 12.76 20.99
CA VAL B 49 7.25 12.83 21.57
C VAL B 49 7.68 14.27 21.73
N GLY B 50 8.03 14.66 22.96
CA GLY B 50 8.38 16.04 23.22
C GLY B 50 8.10 16.45 24.65
N LYS B 51 8.70 17.56 25.07
CA LYS B 51 8.49 18.08 26.41
C LYS B 51 7.15 18.82 26.44
N PRO B 52 6.19 18.30 27.23
CA PRO B 52 4.85 18.89 27.24
C PRO B 52 4.87 20.38 27.51
N GLY B 53 4.06 21.12 26.76
CA GLY B 53 3.97 22.56 26.93
C GLY B 53 2.78 23.10 26.16
N PRO B 54 2.35 24.34 26.43
CA PRO B 54 1.21 24.97 25.76
C PRO B 54 1.56 25.50 24.37
N ASN B 55 0.59 25.42 23.46
CA ASN B 55 0.69 26.10 22.16
C ASN B 55 1.91 25.67 21.34
N LYS B 56 2.33 24.42 21.51
CA LYS B 56 3.48 23.91 20.77
C LYS B 56 3.11 23.54 19.34
N PRO B 57 3.96 23.93 18.38
CA PRO B 57 3.90 23.46 16.99
C PRO B 57 4.28 21.99 16.96
N ALA B 58 4.00 21.32 15.85
CA ALA B 58 4.25 19.90 15.77
C ALA B 58 4.74 19.47 14.39
N ILE B 59 5.47 18.36 14.36
CA ILE B 59 5.78 17.68 13.11
C ILE B 59 5.19 16.28 13.18
N PHE B 60 4.53 15.86 12.11
CA PHE B 60 3.88 14.56 12.07
C PHE B 60 4.69 13.64 11.17
N MET B 61 4.99 12.44 11.67
CA MET B 61 5.72 11.46 10.88
C MET B 61 5.08 10.09 11.03
N ASP B 62 4.86 9.40 9.91
CA ASP B 62 4.36 8.03 9.96
C ASP B 62 5.28 7.07 9.22
N CYS B 63 5.23 5.81 9.63
CA CYS B 63 5.92 4.74 8.93
C CYS B 63 4.93 3.62 8.62
N GLY B 64 5.35 2.69 7.78
CA GLY B 64 4.58 1.47 7.59
C GLY B 64 3.28 1.61 6.82
N PHE B 65 3.21 2.57 5.90
CA PHE B 65 2.07 2.66 5.00
C PHE B 65 1.99 1.36 4.21
N HIS B 66 3.13 0.95 3.68
CA HIS B 66 3.18 -0.23 2.83
C HIS B 66 3.82 -1.41 3.57
N ALA B 67 3.11 -2.53 3.58
CA ALA B 67 3.40 -3.60 4.51
C ALA B 67 4.81 -4.19 4.36
N ARG B 68 5.26 -4.37 3.13
CA ARG B 68 6.53 -5.04 2.87
C ARG B 68 7.75 -4.16 3.10
N GLU B 69 7.54 -2.86 3.31
CA GLU B 69 8.66 -1.94 3.43
C GLU B 69 9.18 -1.88 4.86
N TRP B 70 9.74 -2.99 5.32
CA TRP B 70 10.02 -3.17 6.76
C TRP B 70 11.02 -2.18 7.37
N ILE B 71 11.91 -1.62 6.56
CA ILE B 71 12.88 -0.66 7.09
C ILE B 71 12.16 0.63 7.53
N SER B 72 11.01 0.89 6.93
CA SER B 72 10.20 2.04 7.32
C SER B 72 9.77 1.93 8.78
N HIS B 73 9.17 0.79 9.13
CA HIS B 73 8.71 0.56 10.50
C HIS B 73 9.90 0.66 11.47
N ALA B 74 11.02 0.06 11.07
CA ALA B 74 12.20 0.10 11.92
C ALA B 74 12.64 1.55 12.19
N PHE B 75 12.52 2.42 11.19
CA PHE B 75 13.02 3.78 11.40
C PHE B 75 12.22 4.57 12.43
N CYS B 76 10.90 4.46 12.42
CA CYS B 76 10.11 5.20 13.39
C CYS B 76 10.50 4.79 14.81
N GLN B 77 10.79 3.50 15.01
CA GLN B 77 11.20 3.01 16.31
C GLN B 77 12.57 3.59 16.68
N TRP B 78 13.51 3.53 15.74
CA TRP B 78 14.84 4.11 15.94
C TRP B 78 14.74 5.58 16.36
N PHE B 79 13.89 6.32 15.66
CA PHE B 79 13.78 7.77 15.89
C PHE B 79 13.34 8.06 17.31
N VAL B 80 12.35 7.31 17.79
CA VAL B 80 11.80 7.53 19.11
C VAL B 80 12.87 7.32 20.19
N ARG B 81 13.69 6.28 20.06
CA ARG B 81 14.74 6.05 21.04
C ARG B 81 15.74 7.20 21.04
N GLU B 82 16.26 7.55 19.87
CA GLU B 82 17.25 8.62 19.77
C GLU B 82 16.72 9.92 20.40
N ALA B 83 15.44 10.20 20.15
CA ALA B 83 14.83 11.42 20.66
C ALA B 83 14.82 11.46 22.19
N VAL B 84 14.38 10.38 22.82
CA VAL B 84 14.25 10.38 24.28
C VAL B 84 15.59 10.17 24.99
N LEU B 85 16.52 9.46 24.38
CA LEU B 85 17.81 9.24 25.02
C LEU B 85 18.73 10.45 24.94
N THR B 86 18.64 11.21 23.86
CA THR B 86 19.54 12.35 23.68
C THR B 86 18.94 13.66 24.17
N TYR B 87 17.66 13.66 24.50
CA TYR B 87 17.04 14.87 25.03
C TYR B 87 17.76 15.29 26.31
N GLY B 88 18.21 16.54 26.33
CA GLY B 88 18.90 17.05 27.51
C GLY B 88 20.41 17.04 27.33
N TYR B 89 20.89 16.34 26.29
CA TYR B 89 22.32 16.19 26.10
C TYR B 89 22.80 16.67 24.74
N GLU B 90 22.03 16.37 23.70
CA GLU B 90 22.31 16.92 22.38
C GLU B 90 21.48 18.19 22.21
N SER B 91 22.16 19.32 22.05
CA SER B 91 21.51 20.64 22.11
C SER B 91 20.35 20.78 21.12
N HIS B 92 20.52 20.23 19.92
CA HIS B 92 19.52 20.41 18.89
C HIS B 92 18.25 19.62 19.17
N MET B 93 18.40 18.33 19.48
CA MET B 93 17.23 17.51 19.84
C MET B 93 16.56 18.09 21.09
N THR B 94 17.37 18.63 21.99
CA THR B 94 16.81 19.25 23.20
C THR B 94 15.92 20.40 22.81
N GLU B 95 16.43 21.30 21.95
CA GLU B 95 15.62 22.40 21.45
C GLU B 95 14.39 21.89 20.71
N PHE B 96 14.58 20.86 19.89
CA PHE B 96 13.46 20.29 19.13
C PHE B 96 12.33 19.91 20.07
N LEU B 97 12.63 19.09 21.07
CA LEU B 97 11.58 18.56 21.94
C LEU B 97 11.03 19.61 22.89
N ASN B 98 11.80 20.68 23.14
CA ASN B 98 11.29 21.77 23.97
C ASN B 98 10.31 22.65 23.19
N LYS B 99 10.62 22.89 21.92
CA LYS B 99 9.87 23.85 21.11
C LYS B 99 8.70 23.23 20.33
N LEU B 100 8.81 21.96 20.00
CA LEU B 100 7.74 21.30 19.27
C LEU B 100 7.48 19.88 19.73
N ASP B 101 6.41 19.29 19.22
CA ASP B 101 6.13 17.87 19.45
C ASP B 101 6.29 17.12 18.13
N PHE B 102 6.85 15.91 18.21
CA PHE B 102 6.81 15.00 17.08
C PHE B 102 5.67 14.03 17.32
N TYR B 103 4.73 13.96 16.39
CA TYR B 103 3.77 12.88 16.39
C TYR B 103 4.33 11.75 15.54
N VAL B 104 4.63 10.62 16.17
CA VAL B 104 5.20 9.49 15.47
C VAL B 104 4.20 8.34 15.40
N LEU B 105 3.81 7.97 14.18
CA LEU B 105 2.88 6.87 13.99
C LEU B 105 3.68 5.67 13.48
N PRO B 106 4.02 4.74 14.39
CA PRO B 106 5.02 3.70 14.09
C PRO B 106 4.64 2.78 12.93
N VAL B 107 3.36 2.41 12.88
CA VAL B 107 2.86 1.56 11.80
C VAL B 107 1.42 1.93 11.49
N LEU B 108 1.19 2.45 10.29
CA LEU B 108 -0.16 2.79 9.85
C LEU B 108 -0.90 1.53 9.42
N ASN B 109 -0.32 0.79 8.48
CA ASN B 109 -0.98 -0.38 7.91
C ASN B 109 -0.61 -1.63 8.70
N ILE B 110 -1.18 -1.75 9.90
CA ILE B 110 -0.83 -2.84 10.79
C ILE B 110 -1.28 -4.19 10.24
N ASP B 111 -2.48 -4.24 9.68
CA ASP B 111 -3.03 -5.50 9.20
C ASP B 111 -2.17 -6.07 8.08
N GLY B 112 -1.74 -5.21 7.17
CA GLY B 112 -0.87 -5.65 6.08
C GLY B 112 0.47 -6.12 6.59
N TYR B 113 1.01 -5.41 7.60
CA TYR B 113 2.30 -5.77 8.15
C TYR B 113 2.25 -7.18 8.75
N ILE B 114 1.21 -7.45 9.52
CA ILE B 114 1.03 -8.78 10.09
C ILE B 114 0.98 -9.83 8.99
N TYR B 115 0.34 -9.49 7.88
CA TYR B 115 0.20 -10.42 6.76
C TYR B 115 1.56 -10.73 6.12
N THR B 116 2.45 -9.75 6.07
CA THR B 116 3.79 -10.00 5.53
C THR B 116 4.61 -10.88 6.46
N TRP B 117 4.24 -10.92 7.74
CA TRP B 117 4.92 -11.78 8.70
C TRP B 117 4.38 -13.22 8.69
N THR B 118 3.12 -13.38 8.28
CA THR B 118 2.44 -14.66 8.44
C THR B 118 2.23 -15.41 7.12
N LYS B 119 2.03 -14.67 6.04
CA LYS B 119 1.59 -15.28 4.78
C LYS B 119 2.42 -14.90 3.56
N ASN B 120 2.64 -13.61 3.36
CA ASN B 120 3.21 -13.12 2.12
C ASN B 120 4.12 -11.91 2.36
N ARG B 121 5.42 -12.16 2.39
CA ARG B 121 6.41 -11.13 2.71
C ARG B 121 6.32 -9.94 1.76
N MET B 122 5.76 -10.15 0.57
CA MET B 122 5.73 -9.10 -0.44
C MET B 122 4.40 -8.34 -0.49
N TRP B 123 3.53 -8.57 0.48
CA TRP B 123 2.25 -7.86 0.50
C TRP B 123 2.46 -6.35 0.66
N ARG B 124 1.59 -5.57 0.03
CA ARG B 124 1.72 -4.11 0.01
C ARG B 124 0.54 -3.42 0.68
N LYS B 125 -0.67 -3.82 0.29
CA LYS B 125 -1.87 -3.07 0.65
C LYS B 125 -2.38 -3.38 2.05
N THR B 126 -3.54 -2.83 2.38
CA THR B 126 -4.24 -3.19 3.60
C THR B 126 -4.85 -4.57 3.44
N ARG B 127 -5.66 -5.00 4.40
CA ARG B 127 -6.26 -6.32 4.35
C ARG B 127 -7.78 -6.27 4.44
N SER B 128 -8.36 -5.14 4.07
CA SER B 128 -9.82 -5.01 4.04
C SER B 128 -10.42 -5.76 2.85
N THR B 129 -11.65 -6.25 3.04
CA THR B 129 -12.35 -6.93 1.96
C THR B 129 -12.90 -5.92 0.96
N ASN B 130 -13.13 -6.38 -0.28
CA ASN B 130 -13.68 -5.54 -1.33
C ASN B 130 -14.95 -6.17 -1.90
N ALA B 131 -15.99 -5.36 -2.05
CA ALA B 131 -17.27 -5.87 -2.55
C ALA B 131 -17.12 -6.47 -3.94
N GLY B 132 -17.76 -7.62 -4.16
CA GLY B 132 -17.86 -8.17 -5.50
C GLY B 132 -16.61 -8.88 -5.99
N THR B 133 -15.66 -9.11 -5.10
CA THR B 133 -14.41 -9.76 -5.48
C THR B 133 -13.77 -10.46 -4.28
N THR B 134 -12.91 -11.43 -4.56
CA THR B 134 -12.13 -12.07 -3.50
C THR B 134 -10.81 -11.33 -3.29
N CYS B 135 -10.50 -10.38 -4.16
CA CYS B 135 -9.27 -9.62 -4.00
C CYS B 135 -9.31 -8.72 -2.79
N ILE B 136 -8.20 -8.69 -2.07
CA ILE B 136 -8.13 -8.03 -0.77
C ILE B 136 -7.28 -6.76 -0.82
N GLY B 137 -7.74 -5.74 -0.11
CA GLY B 137 -6.85 -4.64 0.24
C GLY B 137 -6.92 -3.42 -0.65
N THR B 138 -6.57 -2.28 -0.06
CA THR B 138 -6.46 -1.02 -0.76
C THR B 138 -5.04 -0.48 -0.54
N ASP B 139 -4.52 0.26 -1.51
CA ASP B 139 -3.24 0.92 -1.34
C ASP B 139 -3.45 2.19 -0.53
N PRO B 140 -2.97 2.21 0.73
CA PRO B 140 -3.22 3.39 1.56
C PRO B 140 -2.70 4.69 0.93
N ASN B 141 -1.61 4.60 0.18
CA ASN B 141 -1.03 5.78 -0.43
C ASN B 141 -1.66 6.13 -1.78
N ARG B 142 -2.83 5.54 -2.06
CA ARG B 142 -3.69 6.01 -3.14
C ARG B 142 -5.07 6.35 -2.59
N ASN B 143 -5.21 6.36 -1.26
CA ASN B 143 -6.51 6.42 -0.65
C ASN B 143 -6.79 7.77 0.03
N PHE B 144 -5.90 8.74 -0.16
CA PHE B 144 -6.13 10.07 0.40
C PHE B 144 -6.72 11.04 -0.62
N ASP B 145 -7.32 12.11 -0.10
CA ASP B 145 -8.12 13.03 -0.88
C ASP B 145 -7.24 14.04 -1.60
N ALA B 146 -6.34 13.54 -2.44
CA ALA B 146 -5.44 14.40 -3.21
C ALA B 146 -5.49 13.98 -4.67
N GLY B 147 -6.24 14.73 -5.47
CA GLY B 147 -6.54 14.30 -6.82
C GLY B 147 -6.94 12.84 -6.86
N TRP B 148 -7.75 12.42 -5.90
CA TRP B 148 -7.96 11.00 -5.63
C TRP B 148 -8.31 10.14 -6.84
N CYS B 149 -7.52 9.09 -7.03
CA CYS B 149 -7.71 8.08 -8.07
C CYS B 149 -7.75 8.58 -9.51
N THR B 150 -7.14 9.73 -9.76
CA THR B 150 -7.14 10.28 -11.12
C THR B 150 -5.97 9.82 -11.97
N THR B 151 -4.86 9.43 -11.33
CA THR B 151 -3.69 8.99 -12.08
C THR B 151 -2.75 8.18 -11.22
N GLY B 152 -2.01 7.26 -11.85
CA GLY B 152 -1.07 6.44 -11.11
C GLY B 152 -1.78 5.56 -10.09
N ALA B 153 -3.05 5.31 -10.34
CA ALA B 153 -3.88 4.53 -9.41
C ALA B 153 -4.89 3.68 -10.18
N SER B 154 -5.27 2.56 -9.61
CA SER B 154 -6.19 1.64 -10.27
C SER B 154 -7.55 1.59 -9.57
N THR B 155 -8.61 1.41 -10.35
CA THR B 155 -9.95 1.20 -9.79
C THR B 155 -10.24 -0.29 -9.65
N ASP B 156 -9.26 -1.12 -10.02
CA ASP B 156 -9.39 -2.57 -9.89
C ASP B 156 -8.90 -3.02 -8.53
N PRO B 157 -9.80 -3.58 -7.70
CA PRO B 157 -9.45 -3.99 -6.34
C PRO B 157 -8.32 -5.00 -6.25
N CYS B 158 -8.03 -5.65 -7.38
CA CYS B 158 -6.98 -6.66 -7.42
C CYS B 158 -5.59 -6.04 -7.66
N ASP B 159 -5.58 -4.77 -8.06
CA ASP B 159 -4.33 -4.07 -8.37
C ASP B 159 -3.58 -3.64 -7.10
N GLU B 160 -2.26 -3.61 -7.19
CA GLU B 160 -1.42 -3.18 -6.07
C GLU B 160 -1.63 -1.70 -5.73
N THR B 161 -2.11 -0.93 -6.68
CA THR B 161 -2.37 0.49 -6.45
C THR B 161 -3.85 0.81 -6.41
N TYR B 162 -4.68 -0.18 -6.04
CA TYR B 162 -6.11 0.06 -5.92
C TYR B 162 -6.39 1.24 -5.01
N CYS B 163 -7.21 2.17 -5.48
CA CYS B 163 -7.39 3.43 -4.79
C CYS B 163 -8.53 3.39 -3.78
N GLY B 164 -9.24 2.27 -3.71
CA GLY B 164 -10.38 2.15 -2.82
C GLY B 164 -11.67 2.63 -3.45
N SER B 165 -12.78 2.49 -2.72
CA SER B 165 -14.08 2.89 -3.22
C SER B 165 -14.25 4.41 -3.20
N ALA B 166 -13.54 5.06 -2.29
CA ALA B 166 -13.59 6.51 -2.19
C ALA B 166 -12.39 6.95 -1.35
N ALA B 167 -12.03 8.24 -1.43
CA ALA B 167 -10.96 8.74 -0.58
C ALA B 167 -11.31 8.44 0.88
N GLU B 168 -10.33 7.96 1.65
CA GLU B 168 -10.50 7.66 3.06
C GLU B 168 -11.51 6.54 3.31
N SER B 169 -11.66 5.65 2.33
CA SER B 169 -12.55 4.50 2.47
C SER B 169 -11.96 3.50 3.47
N GLU B 170 -10.65 3.55 3.67
CA GLU B 170 -9.99 2.68 4.63
C GLU B 170 -10.05 3.29 6.03
N LYS B 171 -10.27 2.44 7.04
CA LYS B 171 -10.31 2.93 8.42
C LYS B 171 -8.99 3.59 8.82
N GLU B 172 -7.89 3.04 8.33
CA GLU B 172 -6.57 3.50 8.76
C GLU B 172 -6.25 4.89 8.19
N THR B 173 -6.61 5.12 6.94
CA THR B 173 -6.36 6.41 6.33
C THR B 173 -7.31 7.48 6.84
N LYS B 174 -8.56 7.09 7.11
CA LYS B 174 -9.52 8.04 7.68
C LYS B 174 -9.07 8.44 9.08
N ALA B 175 -8.52 7.48 9.82
CA ALA B 175 -8.04 7.78 11.17
C ALA B 175 -6.88 8.78 11.13
N LEU B 176 -5.99 8.62 10.16
CA LEU B 176 -4.85 9.50 10.05
C LEU B 176 -5.32 10.88 9.59
N ALA B 177 -6.18 10.92 8.58
CA ALA B 177 -6.71 12.17 8.06
C ALA B 177 -7.48 12.91 9.16
N ASP B 178 -8.28 12.16 9.93
CA ASP B 178 -9.05 12.74 11.01
C ASP B 178 -8.14 13.40 12.04
N PHE B 179 -7.05 12.72 12.40
CA PHE B 179 -6.15 13.26 13.39
C PHE B 179 -5.50 14.56 12.92
N ILE B 180 -5.05 14.56 11.67
CA ILE B 180 -4.40 15.74 11.12
C ILE B 180 -5.38 16.91 10.99
N ARG B 181 -6.59 16.63 10.52
CA ARG B 181 -7.61 17.68 10.43
C ARG B 181 -7.87 18.30 11.79
N ASN B 182 -7.84 17.48 12.84
CA ASN B 182 -8.18 17.95 14.19
C ASN B 182 -7.04 18.72 14.83
N ASN B 183 -5.85 18.61 14.26
CA ASN B 183 -4.67 19.27 14.81
C ASN B 183 -3.96 20.13 13.77
N LEU B 184 -4.70 20.56 12.75
CA LEU B 184 -4.10 21.25 11.62
C LEU B 184 -3.29 22.47 12.02
N SER B 185 -3.84 23.28 12.92
CA SER B 185 -3.21 24.56 13.24
C SER B 185 -1.82 24.37 13.83
N SER B 186 -1.56 23.21 14.43
CA SER B 186 -0.29 22.98 15.10
C SER B 186 0.75 22.28 14.23
N ILE B 187 0.30 21.47 13.27
CA ILE B 187 1.21 20.66 12.47
C ILE B 187 1.85 21.47 11.35
N LYS B 188 3.17 21.59 11.38
CA LYS B 188 3.89 22.46 10.44
C LYS B 188 4.64 21.66 9.38
N ALA B 189 4.82 20.37 9.64
CA ALA B 189 5.49 19.50 8.68
C ALA B 189 4.92 18.10 8.72
N TYR B 190 4.90 17.44 7.56
CA TYR B 190 4.44 16.06 7.45
C TYR B 190 5.52 15.22 6.78
N LEU B 191 5.90 14.12 7.43
CA LEU B 191 6.94 13.25 6.89
C LEU B 191 6.42 11.82 6.86
N THR B 192 6.51 11.19 5.70
CA THR B 192 6.00 9.82 5.57
C THR B 192 7.10 8.93 5.03
N ILE B 193 7.37 7.83 5.73
CA ILE B 193 8.56 7.02 5.46
C ILE B 193 8.22 5.76 4.66
N HIS B 194 8.92 5.58 3.55
CA HIS B 194 8.76 4.40 2.69
C HIS B 194 10.13 3.80 2.37
N SER B 195 10.15 2.68 1.64
CA SER B 195 11.35 2.22 0.94
C SER B 195 10.89 1.49 -0.32
N TYR B 196 11.77 1.25 -1.28
CA TYR B 196 13.17 1.68 -1.26
C TYR B 196 13.39 2.63 -2.44
N SER B 197 14.63 3.09 -2.61
CA SER B 197 15.07 3.88 -3.77
C SER B 197 15.99 5.03 -3.41
N GLN B 198 16.06 5.37 -2.13
CA GLN B 198 16.93 6.43 -1.65
C GLN B 198 16.59 7.77 -2.30
N MET B 199 15.43 8.30 -1.94
CA MET B 199 14.93 9.56 -2.49
C MET B 199 14.27 10.39 -1.39
N ILE B 200 14.25 11.70 -1.57
CA ILE B 200 13.32 12.55 -0.85
C ILE B 200 12.36 13.20 -1.84
N LEU B 201 11.08 12.90 -1.69
CA LEU B 201 10.05 13.42 -2.57
C LEU B 201 9.25 14.52 -1.89
N TYR B 202 8.74 15.47 -2.66
CA TYR B 202 7.76 16.41 -2.17
C TYR B 202 6.69 16.63 -3.24
N PRO B 203 5.60 17.34 -2.91
CA PRO B 203 4.49 17.46 -3.88
C PRO B 203 4.95 18.11 -5.19
N TYR B 204 4.24 17.83 -6.28
CA TYR B 204 3.04 16.99 -6.27
C TYR B 204 3.26 15.64 -6.95
N SER B 205 2.44 14.66 -6.55
CA SER B 205 2.45 13.36 -7.21
C SER B 205 1.18 13.08 -8.00
N TYR B 206 0.08 13.76 -7.67
CA TYR B 206 -1.16 13.52 -8.39
C TYR B 206 -1.28 14.40 -9.64
N ASP B 207 -0.32 15.30 -9.82
CA ASP B 207 -0.29 16.18 -10.99
C ASP B 207 1.16 16.64 -11.18
N TYR B 208 1.51 17.07 -12.39
CA TYR B 208 2.87 17.55 -12.65
C TYR B 208 3.05 19.02 -12.31
N LYS B 209 1.98 19.67 -11.88
CA LYS B 209 2.09 21.06 -11.44
C LYS B 209 3.04 21.13 -10.25
N LEU B 210 3.66 22.28 -10.05
CA LEU B 210 4.60 22.45 -8.95
C LEU B 210 3.91 23.16 -7.78
N PRO B 211 4.30 22.80 -6.55
CA PRO B 211 3.81 23.53 -5.36
C PRO B 211 4.38 24.95 -5.35
N GLU B 212 3.64 25.88 -4.75
CA GLU B 212 4.06 27.28 -4.79
C GLU B 212 5.43 27.50 -4.14
N ASN B 213 5.75 26.69 -3.12
CA ASN B 213 7.08 26.77 -2.52
C ASN B 213 8.01 25.68 -3.03
N ASN B 214 7.88 25.38 -4.32
CA ASN B 214 8.71 24.35 -4.96
C ASN B 214 10.21 24.60 -4.77
N ALA B 215 10.63 25.85 -4.98
CA ALA B 215 12.05 26.18 -4.90
C ALA B 215 12.59 25.97 -3.49
N GLU B 216 11.80 26.38 -2.50
CA GLU B 216 12.21 26.21 -1.10
C GLU B 216 12.30 24.74 -0.73
N LEU B 217 11.33 23.94 -1.18
CA LEU B 217 11.31 22.52 -0.88
C LEU B 217 12.47 21.81 -1.57
N ASN B 218 12.75 22.22 -2.80
CA ASN B 218 13.84 21.62 -3.56
C ASN B 218 15.17 21.90 -2.88
N ASN B 219 15.38 23.13 -2.42
CA ASN B 219 16.61 23.50 -1.75
C ASN B 219 16.76 22.77 -0.40
N LEU B 220 15.65 22.57 0.28
CA LEU B 220 15.68 21.89 1.58
C LEU B 220 15.96 20.41 1.39
N ALA B 221 15.36 19.80 0.38
CA ALA B 221 15.63 18.40 0.07
C ALA B 221 17.08 18.24 -0.33
N LYS B 222 17.58 19.20 -1.11
CA LYS B 222 18.96 19.15 -1.58
C LYS B 222 19.92 19.20 -0.39
N ALA B 223 19.62 20.08 0.56
CA ALA B 223 20.46 20.22 1.74
C ALA B 223 20.36 18.96 2.59
N ALA B 224 19.16 18.39 2.66
CA ALA B 224 18.92 17.20 3.48
C ALA B 224 19.66 15.98 2.97
N VAL B 225 19.63 15.75 1.65
CA VAL B 225 20.34 14.60 1.10
C VAL B 225 21.85 14.77 1.26
N LYS B 226 22.33 16.01 1.20
CA LYS B 226 23.74 16.29 1.44
C LYS B 226 24.10 15.92 2.87
N GLU B 227 23.29 16.35 3.82
CA GLU B 227 23.51 16.03 5.22
C GLU B 227 23.54 14.52 5.44
N LEU B 228 22.60 13.82 4.80
CA LEU B 228 22.48 12.37 4.97
C LEU B 228 23.74 11.66 4.49
N ALA B 229 24.34 12.18 3.42
CA ALA B 229 25.49 11.51 2.80
C ALA B 229 26.75 11.59 3.67
N THR B 230 26.78 12.51 4.62
CA THR B 230 28.00 12.75 5.39
C THR B 230 28.41 11.55 6.25
N LEU B 231 27.44 10.69 6.57
CA LEU B 231 27.69 9.64 7.53
C LEU B 231 28.36 8.42 6.89
N TYR B 232 27.78 7.95 5.78
CA TYR B 232 28.26 6.74 5.13
C TYR B 232 28.34 6.88 3.61
N GLY B 233 28.13 8.10 3.11
CA GLY B 233 28.27 8.35 1.69
C GLY B 233 27.08 7.92 0.87
N THR B 234 25.98 7.57 1.53
CA THR B 234 24.79 7.12 0.84
C THR B 234 24.19 8.24 0.00
N LYS B 235 23.88 7.92 -1.26
CA LYS B 235 23.43 8.93 -2.19
C LYS B 235 21.92 8.87 -2.43
N TYR B 236 21.25 9.98 -2.13
CA TYR B 236 19.81 10.13 -2.35
C TYR B 236 19.57 11.08 -3.52
N THR B 237 18.52 10.82 -4.29
CA THR B 237 18.01 11.82 -5.22
C THR B 237 16.75 12.44 -4.64
N TYR B 238 16.25 13.51 -5.27
CA TYR B 238 15.12 14.26 -4.72
C TYR B 238 14.37 15.04 -5.80
N GLY B 239 13.11 15.36 -5.52
CA GLY B 239 12.33 16.17 -6.44
C GLY B 239 10.84 15.97 -6.24
N PRO B 240 10.01 16.63 -7.07
CA PRO B 240 8.56 16.43 -7.00
C PRO B 240 8.22 14.98 -7.32
N GLY B 241 7.21 14.46 -6.64
CA GLY B 241 6.89 13.04 -6.74
C GLY B 241 6.63 12.55 -8.16
N ALA B 242 5.77 13.25 -8.89
CA ALA B 242 5.35 12.76 -10.20
C ALA B 242 6.51 12.63 -11.18
N THR B 243 7.40 13.61 -11.19
CA THR B 243 8.52 13.60 -12.12
C THR B 243 9.68 12.73 -11.65
N THR B 244 9.82 12.60 -10.33
CA THR B 244 10.98 11.90 -9.76
C THR B 244 10.78 10.40 -9.69
N ILE B 245 9.53 9.97 -9.50
CA ILE B 245 9.20 8.55 -9.61
C ILE B 245 8.19 8.34 -10.74
N TYR B 246 6.90 8.46 -10.41
CA TYR B 246 5.83 8.46 -11.39
C TYR B 246 4.61 9.14 -10.78
N PRO B 247 3.69 9.62 -11.61
CA PRO B 247 2.44 10.15 -11.03
C PRO B 247 1.73 9.10 -10.20
N ALA B 248 1.24 9.50 -9.04
CA ALA B 248 0.56 8.60 -8.12
C ALA B 248 -0.40 9.44 -7.28
N ALA B 249 -1.66 9.47 -7.70
CA ALA B 249 -2.65 10.29 -7.00
C ALA B 249 -3.08 9.64 -5.70
N GLY B 250 -3.63 10.45 -4.79
CA GLY B 250 -4.16 9.92 -3.55
C GLY B 250 -3.11 9.70 -2.48
N GLY B 251 -1.96 10.35 -2.63
CA GLY B 251 -0.89 10.19 -1.66
C GLY B 251 -1.08 11.08 -0.45
N SER B 252 -0.62 10.60 0.71
CA SER B 252 -0.80 11.33 1.96
C SER B 252 0.02 12.62 2.03
N ASP B 253 1.21 12.63 1.43
CA ASP B 253 2.02 13.83 1.46
C ASP B 253 1.37 14.96 0.66
N ASP B 254 0.80 14.63 -0.50
CA ASP B 254 0.06 15.64 -1.26
C ASP B 254 -1.17 16.13 -0.48
N TRP B 255 -1.89 15.23 0.16
CA TRP B 255 -3.09 15.62 0.90
C TRP B 255 -2.71 16.58 2.03
N ALA B 256 -1.66 16.24 2.76
CA ALA B 256 -1.22 17.05 3.88
C ALA B 256 -0.81 18.43 3.38
N TYR B 257 -0.09 18.46 2.26
CA TYR B 257 0.33 19.73 1.69
C TYR B 257 -0.88 20.58 1.31
N ASP B 258 -1.86 19.95 0.66
CA ASP B 258 -3.07 20.66 0.24
C ASP B 258 -3.86 21.18 1.43
N GLN B 259 -3.65 20.60 2.60
CA GLN B 259 -4.33 21.07 3.82
C GLN B 259 -3.63 22.28 4.43
N GLY B 260 -2.49 22.66 3.86
CA GLY B 260 -1.78 23.82 4.35
C GLY B 260 -0.47 23.52 5.04
N ILE B 261 -0.10 22.24 5.11
CA ILE B 261 1.15 21.87 5.74
C ILE B 261 2.28 22.01 4.71
N LYS B 262 3.06 23.07 4.84
CA LYS B 262 3.93 23.52 3.76
C LYS B 262 5.16 22.65 3.55
N TYR B 263 5.58 21.96 4.59
CA TYR B 263 6.73 21.07 4.49
C TYR B 263 6.28 19.63 4.56
N SER B 264 6.17 19.01 3.39
CA SER B 264 5.61 17.67 3.27
C SER B 264 6.55 16.85 2.40
N PHE B 265 7.07 15.76 2.98
CA PHE B 265 8.08 14.95 2.29
C PHE B 265 7.79 13.47 2.43
N THR B 266 7.99 12.74 1.34
CA THR B 266 8.08 11.28 1.39
C THR B 266 9.54 10.87 1.32
N PHE B 267 9.96 10.02 2.25
CA PHE B 267 11.31 9.46 2.21
C PHE B 267 11.24 8.04 1.65
N GLU B 268 12.16 7.73 0.74
CA GLU B 268 12.38 6.35 0.30
C GLU B 268 13.75 5.94 0.79
N LEU B 269 13.81 5.01 1.73
CA LEU B 269 15.08 4.65 2.35
C LEU B 269 15.85 3.63 1.51
N ARG B 270 16.89 3.04 2.08
CA ARG B 270 17.73 2.05 1.37
C ARG B 270 16.89 0.84 0.93
N ASP B 271 17.36 0.11 -0.09
CA ASP B 271 18.52 0.52 -0.88
C ASP B 271 18.09 1.00 -2.26
N LYS B 272 18.85 0.65 -3.29
CA LYS B 272 18.50 1.04 -4.65
C LYS B 272 18.10 -0.16 -5.49
N GLY B 273 17.86 -1.29 -4.84
CA GLY B 273 17.30 -2.44 -5.53
C GLY B 273 18.03 -3.76 -5.35
N ARG B 274 19.22 -3.71 -4.77
CA ARG B 274 20.01 -4.94 -4.62
C ARG B 274 19.26 -5.93 -3.73
N TYR B 275 18.77 -5.44 -2.60
CA TYR B 275 17.93 -6.24 -1.71
C TYR B 275 16.49 -5.76 -1.76
N GLY B 276 16.30 -4.50 -2.14
CA GLY B 276 14.95 -3.97 -2.26
C GLY B 276 14.22 -3.92 -0.93
N PHE B 277 13.03 -4.50 -0.89
CA PHE B 277 12.21 -4.52 0.33
C PHE B 277 12.81 -5.43 1.39
N ILE B 278 13.62 -6.39 0.97
CA ILE B 278 14.17 -7.38 1.90
C ILE B 278 15.56 -6.91 2.35
N LEU B 279 15.62 -5.68 2.84
CA LEU B 279 16.89 -5.09 3.27
C LEU B 279 17.40 -5.87 4.47
N PRO B 280 18.67 -6.27 4.44
CA PRO B 280 19.23 -7.07 5.54
C PRO B 280 19.15 -6.33 6.87
N GLU B 281 18.84 -7.07 7.93
CA GLU B 281 18.79 -6.47 9.26
C GLU B 281 20.11 -5.80 9.61
N SER B 282 21.19 -6.27 8.99
CA SER B 282 22.52 -5.72 9.27
C SER B 282 22.67 -4.28 8.78
N GLN B 283 21.73 -3.81 7.96
CA GLN B 283 21.78 -2.44 7.47
C GLN B 283 20.81 -1.50 8.19
N ILE B 284 20.03 -2.05 9.13
CA ILE B 284 19.05 -1.23 9.84
C ILE B 284 19.72 -0.05 10.55
N GLN B 285 20.78 -0.33 11.31
CA GLN B 285 21.42 0.71 12.11
C GLN B 285 21.95 1.84 11.25
N ALA B 286 22.72 1.51 10.21
CA ALA B 286 23.32 2.53 9.37
C ALA B 286 22.25 3.29 8.59
N THR B 287 21.25 2.56 8.10
CA THR B 287 20.15 3.20 7.38
C THR B 287 19.44 4.20 8.28
N CYS B 288 19.12 3.79 9.50
CA CYS B 288 18.40 4.68 10.41
C CYS B 288 19.23 5.88 10.84
N GLU B 289 20.51 5.67 11.11
CA GLU B 289 21.35 6.77 11.58
C GLU B 289 21.51 7.88 10.54
N GLU B 290 21.72 7.51 9.28
CA GLU B 290 21.88 8.52 8.23
C GLU B 290 20.54 9.19 7.98
N THR B 291 19.46 8.43 8.07
CA THR B 291 18.12 9.00 7.91
C THR B 291 17.81 10.00 9.01
N MET B 292 18.23 9.70 10.24
CA MET B 292 18.08 10.62 11.36
C MET B 292 18.65 12.00 11.01
N LEU B 293 19.80 12.02 10.36
CA LEU B 293 20.46 13.29 10.05
C LEU B 293 19.58 14.14 9.13
N ALA B 294 18.93 13.50 8.17
CA ALA B 294 18.06 14.21 7.24
C ALA B 294 16.81 14.73 7.94
N ILE B 295 16.23 13.89 8.80
CA ILE B 295 15.02 14.26 9.52
C ILE B 295 15.27 15.42 10.47
N LYS B 296 16.39 15.36 11.21
CA LYS B 296 16.76 16.46 12.10
C LYS B 296 17.05 17.73 11.31
N TYR B 297 17.65 17.60 10.13
CA TYR B 297 17.95 18.77 9.33
C TYR B 297 16.66 19.48 8.93
N VAL B 298 15.68 18.69 8.48
CA VAL B 298 14.38 19.24 8.11
C VAL B 298 13.70 19.86 9.32
N THR B 299 13.78 19.17 10.46
CA THR B 299 13.16 19.65 11.68
C THR B 299 13.72 21.00 12.10
N ASN B 300 15.05 21.12 12.05
CA ASN B 300 15.69 22.37 12.44
C ASN B 300 15.27 23.49 11.51
N TYR B 301 15.17 23.18 10.22
CA TYR B 301 14.72 24.16 9.24
C TYR B 301 13.31 24.63 9.57
N VAL B 302 12.42 23.69 9.84
CA VAL B 302 11.03 24.02 10.10
C VAL B 302 10.92 24.90 11.34
N LEU B 303 11.74 24.61 12.34
CA LEU B 303 11.72 25.37 13.59
C LEU B 303 12.04 26.84 13.30
N GLY B 304 12.91 27.06 12.32
CA GLY B 304 13.29 28.42 11.97
C GLY B 304 12.35 29.07 10.98
N HIS B 305 11.35 28.33 10.52
CA HIS B 305 10.44 28.84 9.51
C HIS B 305 8.97 28.56 9.87
N LEU B 306 8.61 28.88 11.10
CA LEU B 306 7.22 28.75 11.53
C LEU B 306 6.54 30.12 11.60
N GLY C 3 -2.21 -6.45 -46.01
CA GLY C 3 -1.92 -6.51 -44.60
C GLY C 3 -0.73 -5.66 -44.21
N HIS C 4 -0.79 -5.06 -43.03
CA HIS C 4 0.27 -4.17 -42.56
C HIS C 4 1.48 -4.96 -42.06
N SER C 5 2.66 -4.43 -42.30
CA SER C 5 3.89 -4.96 -41.72
C SER C 5 4.87 -3.85 -41.38
N TYR C 6 5.49 -3.94 -40.21
CA TYR C 6 6.46 -2.94 -39.79
C TYR C 6 7.80 -3.10 -40.52
N GLU C 7 7.96 -4.20 -41.22
CA GLU C 7 9.22 -4.50 -41.90
C GLU C 7 9.07 -4.55 -43.42
N LYS C 8 7.97 -3.97 -43.91
CA LYS C 8 7.79 -3.76 -45.33
C LYS C 8 7.17 -2.37 -45.52
N TYR C 9 7.26 -1.84 -46.73
CA TYR C 9 6.64 -0.55 -46.99
C TYR C 9 5.16 -0.74 -47.28
N ASN C 10 4.32 0.05 -46.63
CA ASN C 10 2.87 -0.09 -46.73
C ASN C 10 2.27 1.04 -47.56
N ASN C 11 1.30 0.73 -48.42
CA ASN C 11 0.66 1.78 -49.19
C ASN C 11 -0.27 2.57 -48.29
N TRP C 12 -0.79 3.70 -48.78
CA TRP C 12 -1.56 4.58 -47.92
C TRP C 12 -2.79 3.90 -47.34
N GLU C 13 -3.50 3.11 -48.16
CA GLU C 13 -4.71 2.47 -47.66
C GLU C 13 -4.37 1.61 -46.45
N THR C 14 -3.22 0.95 -46.50
CA THR C 14 -2.78 0.10 -45.39
C THR C 14 -2.36 0.91 -44.17
N ILE C 15 -1.60 1.99 -44.40
CA ILE C 15 -1.20 2.85 -43.30
C ILE C 15 -2.43 3.49 -42.66
N GLU C 16 -3.35 3.93 -43.49
CA GLU C 16 -4.60 4.51 -43.00
C GLU C 16 -5.33 3.52 -42.10
N ALA C 17 -5.53 2.30 -42.60
CA ALA C 17 -6.21 1.26 -41.82
C ALA C 17 -5.43 0.97 -40.53
N TRP C 18 -4.10 1.02 -40.63
CA TRP C 18 -3.27 0.82 -39.46
C TRP C 18 -3.47 1.91 -38.41
N THR C 19 -3.61 3.17 -38.83
CA THR C 19 -3.80 4.24 -37.85
C THR C 19 -5.09 3.99 -37.08
N LYS C 20 -6.09 3.44 -37.75
CA LYS C 20 -7.36 3.14 -37.10
C LYS C 20 -7.18 1.98 -36.13
N GLN C 21 -6.52 0.93 -36.60
CA GLN C 21 -6.40 -0.31 -35.85
C GLN C 21 -5.50 -0.17 -34.63
N VAL C 22 -4.34 0.45 -34.80
CA VAL C 22 -3.39 0.54 -33.70
C VAL C 22 -3.95 1.46 -32.61
N THR C 23 -4.82 2.39 -32.99
CA THR C 23 -5.53 3.23 -32.03
C THR C 23 -6.55 2.41 -31.25
N SER C 24 -7.37 1.65 -31.99
CA SER C 24 -8.39 0.81 -31.38
C SER C 24 -7.77 -0.20 -30.41
N GLU C 25 -6.59 -0.70 -30.74
CA GLU C 25 -5.92 -1.72 -29.94
C GLU C 25 -5.28 -1.15 -28.68
N ASN C 26 -5.05 0.16 -28.66
CA ASN C 26 -4.35 0.80 -27.55
C ASN C 26 -5.08 2.06 -27.06
N PRO C 27 -6.30 1.87 -26.53
CA PRO C 27 -7.18 2.98 -26.14
C PRO C 27 -6.55 3.91 -25.10
N ASP C 28 -5.69 3.35 -24.27
CA ASP C 28 -5.14 4.09 -23.13
C ASP C 28 -3.76 4.65 -23.42
N LEU C 29 -3.38 4.66 -24.70
CA LEU C 29 -2.07 5.19 -25.08
C LEU C 29 -2.12 5.98 -26.39
N ILE C 30 -3.13 5.74 -27.20
CA ILE C 30 -3.19 6.34 -28.53
C ILE C 30 -4.59 6.86 -28.86
N SER C 31 -4.65 8.09 -29.35
CA SER C 31 -5.87 8.60 -29.98
C SER C 31 -5.56 9.15 -31.36
N ARG C 32 -6.56 9.17 -32.24
CA ARG C 32 -6.34 9.59 -33.61
C ARG C 32 -7.26 10.75 -33.99
N THR C 33 -6.70 11.73 -34.68
CA THR C 33 -7.48 12.81 -35.27
C THR C 33 -7.02 13.06 -36.71
N ALA C 34 -7.76 13.90 -37.42
CA ALA C 34 -7.33 14.39 -38.72
C ALA C 34 -7.14 15.90 -38.62
N ILE C 35 -6.00 16.40 -39.11
CA ILE C 35 -5.71 17.83 -38.97
C ILE C 35 -6.12 18.62 -40.20
N GLY C 36 -6.67 17.92 -41.19
CA GLY C 36 -7.05 18.56 -42.43
C GLY C 36 -7.13 17.55 -43.54
N THR C 37 -7.32 18.02 -44.78
CA THR C 37 -7.35 17.13 -45.93
C THR C 37 -6.32 17.55 -46.98
N THR C 38 -5.95 16.62 -47.85
CA THR C 38 -4.99 16.91 -48.90
C THR C 38 -5.68 17.55 -50.09
N PHE C 39 -4.91 17.92 -51.10
CA PHE C 39 -5.45 18.44 -52.34
C PHE C 39 -6.50 17.50 -52.93
N LEU C 40 -6.22 16.21 -52.86
CA LEU C 40 -7.11 15.20 -53.44
C LEU C 40 -8.21 14.76 -52.48
N GLY C 41 -8.21 15.32 -51.28
CA GLY C 41 -9.31 15.09 -50.36
C GLY C 41 -9.09 13.98 -49.35
N ASN C 42 -7.85 13.55 -49.18
CA ASN C 42 -7.53 12.49 -48.22
C ASN C 42 -7.32 13.08 -46.83
N ASN C 43 -7.74 12.34 -45.80
CA ASN C 43 -7.61 12.81 -44.42
C ASN C 43 -6.17 12.72 -43.94
N ILE C 44 -5.67 13.81 -43.35
CA ILE C 44 -4.31 13.84 -42.85
C ILE C 44 -4.32 13.43 -41.39
N TYR C 45 -4.13 12.14 -41.15
CA TYR C 45 -4.28 11.60 -39.80
C TYR C 45 -3.08 11.90 -38.91
N LEU C 46 -3.38 12.11 -37.63
CA LEU C 46 -2.35 12.41 -36.64
C LEU C 46 -2.61 11.51 -35.43
N LEU C 47 -1.57 10.82 -34.97
CA LEU C 47 -1.70 9.99 -33.79
C LEU C 47 -1.13 10.70 -32.56
N LYS C 48 -1.87 10.64 -31.46
CA LYS C 48 -1.41 11.22 -30.21
C LYS C 48 -1.02 10.09 -29.27
N VAL C 49 0.27 9.90 -29.08
CA VAL C 49 0.78 8.79 -28.30
C VAL C 49 1.15 9.25 -26.89
N GLY C 50 0.59 8.59 -25.88
CA GLY C 50 0.90 8.96 -24.51
C GLY C 50 -0.20 8.58 -23.52
N LYS C 51 0.14 8.58 -22.24
CA LYS C 51 -0.85 8.34 -21.20
C LYS C 51 -1.65 9.62 -21.01
N PRO C 52 -2.97 9.56 -21.25
CA PRO C 52 -3.80 10.77 -21.20
C PRO C 52 -3.73 11.47 -19.84
N GLY C 53 -3.71 12.79 -19.87
CA GLY C 53 -3.59 13.55 -18.63
C GLY C 53 -3.74 15.05 -18.85
N PRO C 54 -3.79 15.82 -17.76
CA PRO C 54 -4.02 17.27 -17.79
C PRO C 54 -2.83 18.07 -18.33
N ASN C 55 -3.13 18.99 -19.26
CA ASN C 55 -2.15 19.91 -19.81
C ASN C 55 -0.73 19.37 -19.93
N LYS C 56 -0.58 18.36 -20.79
CA LYS C 56 0.72 17.74 -21.04
C LYS C 56 1.50 18.48 -22.12
N PRO C 57 2.82 18.62 -21.95
CA PRO C 57 3.69 19.04 -23.04
C PRO C 57 3.73 17.94 -24.11
N ALA C 58 4.30 18.26 -25.27
CA ALA C 58 4.36 17.29 -26.36
C ALA C 58 5.62 17.43 -27.19
N ILE C 59 6.00 16.34 -27.84
CA ILE C 59 6.95 16.40 -28.94
C ILE C 59 6.19 16.05 -30.22
N PHE C 60 6.46 16.78 -31.29
CA PHE C 60 5.78 16.56 -32.56
C PHE C 60 6.75 16.00 -33.58
N MET C 61 6.37 14.89 -34.22
CA MET C 61 7.19 14.30 -35.27
C MET C 61 6.33 14.01 -36.49
N ASP C 62 6.81 14.40 -37.66
CA ASP C 62 6.15 13.99 -38.89
C ASP C 62 7.09 13.21 -39.79
N CYS C 63 6.50 12.37 -40.64
CA CYS C 63 7.23 11.66 -41.66
C CYS C 63 6.55 11.92 -43.00
N GLY C 64 7.22 11.57 -44.08
CA GLY C 64 6.56 11.60 -45.38
C GLY C 64 6.27 12.98 -45.95
N PHE C 65 7.08 13.97 -45.62
CA PHE C 65 7.00 15.25 -46.33
C PHE C 65 7.21 14.99 -47.82
N HIS C 66 8.24 14.20 -48.12
CA HIS C 66 8.61 13.93 -49.49
C HIS C 66 8.25 12.50 -49.87
N ALA C 67 7.46 12.37 -50.93
CA ALA C 67 6.74 11.14 -51.22
C ALA C 67 7.67 9.93 -51.40
N ARG C 68 8.79 10.13 -52.08
CA ARG C 68 9.67 9.01 -52.44
C ARG C 68 10.55 8.52 -51.31
N GLU C 69 10.57 9.24 -50.18
CA GLU C 69 11.44 8.87 -49.06
C GLU C 69 10.76 7.86 -48.14
N TRP C 70 10.53 6.66 -48.67
CA TRP C 70 9.66 5.67 -48.03
C TRP C 70 10.09 5.24 -46.63
N ILE C 71 11.38 5.26 -46.35
CA ILE C 71 11.86 4.80 -45.06
C ILE C 71 11.39 5.76 -43.95
N SER C 72 11.13 7.01 -44.33
CA SER C 72 10.60 7.96 -43.34
C SER C 72 9.21 7.54 -42.88
N HIS C 73 8.32 7.27 -43.83
CA HIS C 73 6.97 6.80 -43.48
C HIS C 73 7.07 5.58 -42.59
N ALA C 74 7.96 4.67 -42.96
CA ALA C 74 8.13 3.43 -42.19
C ALA C 74 8.54 3.71 -40.75
N PHE C 75 9.40 4.71 -40.54
CA PHE C 75 9.87 4.97 -39.20
C PHE C 75 8.79 5.48 -38.25
N CYS C 76 7.93 6.38 -38.72
CA CYS C 76 6.84 6.86 -37.87
C CYS C 76 6.00 5.69 -37.36
N GLN C 77 5.77 4.70 -38.23
CA GLN C 77 5.01 3.53 -37.82
C GLN C 77 5.79 2.71 -36.78
N TRP C 78 7.08 2.53 -37.04
CA TRP C 78 7.93 1.79 -36.11
C TRP C 78 7.92 2.41 -34.73
N PHE C 79 8.00 3.73 -34.68
CA PHE C 79 8.04 4.44 -33.41
C PHE C 79 6.81 4.14 -32.58
N VAL C 80 5.65 4.17 -33.22
CA VAL C 80 4.41 3.91 -32.51
C VAL C 80 4.40 2.50 -31.91
N ARG C 81 4.86 1.52 -32.67
CA ARG C 81 4.91 0.15 -32.19
C ARG C 81 5.87 -0.01 -31.01
N GLU C 82 6.99 0.69 -31.07
CA GLU C 82 7.95 0.63 -29.97
C GLU C 82 7.36 1.24 -28.70
N ALA C 83 6.53 2.27 -28.87
CA ALA C 83 5.87 2.90 -27.75
C ALA C 83 4.97 1.90 -27.03
N VAL C 84 4.27 1.08 -27.81
CA VAL C 84 3.35 0.10 -27.25
C VAL C 84 4.08 -1.14 -26.72
N LEU C 85 5.22 -1.46 -27.34
CA LEU C 85 6.02 -2.59 -26.89
C LEU C 85 6.75 -2.29 -25.58
N THR C 86 6.96 -1.01 -25.29
CA THR C 86 7.85 -0.66 -24.17
C THR C 86 7.23 0.17 -23.07
N TYR C 87 6.09 0.80 -23.30
CA TYR C 87 5.46 1.57 -22.24
C TYR C 87 5.02 0.65 -21.10
N GLY C 88 5.40 1.00 -19.88
CA GLY C 88 5.09 0.16 -18.73
C GLY C 88 6.12 -0.92 -18.49
N TYR C 89 7.11 -1.03 -19.36
CA TYR C 89 8.18 -2.01 -19.19
C TYR C 89 9.54 -1.35 -19.00
N GLU C 90 9.87 -0.38 -19.84
CA GLU C 90 11.12 0.35 -19.71
C GLU C 90 10.89 1.66 -18.98
N SER C 91 11.84 2.04 -18.13
CA SER C 91 11.72 3.25 -17.34
C SER C 91 11.56 4.49 -18.21
N HIS C 92 12.41 4.62 -19.22
CA HIS C 92 12.43 5.84 -20.03
C HIS C 92 11.13 6.07 -20.79
N MET C 93 10.74 5.12 -21.62
CA MET C 93 9.53 5.31 -22.43
C MET C 93 8.34 5.53 -21.51
N THR C 94 8.33 4.86 -20.36
CA THR C 94 7.22 4.99 -19.43
C THR C 94 7.19 6.40 -18.85
N GLU C 95 8.35 6.90 -18.43
CA GLU C 95 8.47 8.28 -17.98
C GLU C 95 8.06 9.25 -19.10
N PHE C 96 8.53 9.00 -20.31
CA PHE C 96 8.24 9.86 -21.46
C PHE C 96 6.74 10.07 -21.61
N LEU C 97 6.00 8.96 -21.70
CA LEU C 97 4.59 9.02 -22.07
C LEU C 97 3.67 9.38 -20.91
N ASN C 98 4.17 9.29 -19.68
CA ASN C 98 3.41 9.79 -18.54
C ASN C 98 3.43 11.31 -18.52
N LYS C 99 4.59 11.89 -18.81
CA LYS C 99 4.78 13.34 -18.72
C LYS C 99 4.34 14.06 -19.99
N LEU C 100 4.71 13.50 -21.14
CA LEU C 100 4.42 14.15 -22.41
C LEU C 100 3.62 13.30 -23.38
N ASP C 101 3.08 13.96 -24.40
CA ASP C 101 2.49 13.27 -25.54
C ASP C 101 3.46 13.32 -26.69
N PHE C 102 3.45 12.28 -27.51
CA PHE C 102 4.22 12.26 -28.74
C PHE C 102 3.24 12.30 -29.90
N TYR C 103 3.13 13.46 -30.55
CA TYR C 103 2.33 13.58 -31.76
C TYR C 103 3.08 12.98 -32.95
N VAL C 104 2.46 12.00 -33.60
CA VAL C 104 3.07 11.32 -34.73
C VAL C 104 2.18 11.48 -35.95
N LEU C 105 2.67 12.22 -36.94
CA LEU C 105 1.97 12.39 -38.19
C LEU C 105 2.65 11.49 -39.21
N PRO C 106 2.07 10.29 -39.45
CA PRO C 106 2.72 9.22 -40.19
C PRO C 106 3.07 9.61 -41.63
N VAL C 107 2.16 10.32 -42.28
CA VAL C 107 2.37 10.75 -43.66
C VAL C 107 1.73 12.12 -43.87
N LEU C 108 2.56 13.14 -44.10
CA LEU C 108 2.05 14.47 -44.37
C LEU C 108 1.58 14.56 -45.82
N ASN C 109 2.47 14.20 -46.74
CA ASN C 109 2.20 14.31 -48.18
C ASN C 109 1.58 13.02 -48.70
N ILE C 110 0.32 12.81 -48.35
CA ILE C 110 -0.38 11.56 -48.67
C ILE C 110 -0.60 11.37 -50.17
N ASP C 111 -1.03 12.44 -50.84
CA ASP C 111 -1.31 12.38 -52.28
C ASP C 111 -0.05 11.96 -53.03
N GLY C 112 1.08 12.54 -52.65
CA GLY C 112 2.33 12.20 -53.31
C GLY C 112 2.73 10.77 -53.04
N TYR C 113 2.54 10.32 -51.80
CA TYR C 113 2.90 8.96 -51.44
C TYR C 113 2.11 7.97 -52.26
N ILE C 114 0.81 8.20 -52.37
CA ILE C 114 -0.03 7.36 -53.23
C ILE C 114 0.53 7.35 -54.65
N TYR C 115 0.97 8.52 -55.11
CA TYR C 115 1.47 8.62 -56.48
C TYR C 115 2.75 7.81 -56.68
N THR C 116 3.58 7.70 -55.64
CA THR C 116 4.81 6.91 -55.75
C THR C 116 4.51 5.41 -55.79
N TRP C 117 3.32 5.03 -55.31
CA TRP C 117 2.90 3.64 -55.35
C TRP C 117 2.20 3.27 -56.66
N THR C 118 1.45 4.21 -57.22
CA THR C 118 0.61 3.92 -58.37
C THR C 118 1.26 4.28 -59.71
N LYS C 119 2.15 5.27 -59.69
CA LYS C 119 2.70 5.82 -60.93
C LYS C 119 4.21 6.01 -60.89
N ASN C 120 4.67 7.01 -60.13
CA ASN C 120 6.05 7.49 -60.22
C ASN C 120 6.78 7.35 -58.88
N ARG C 121 7.61 6.31 -58.78
CA ARG C 121 8.31 6.00 -57.54
C ARG C 121 9.19 7.15 -57.06
N MET C 122 9.60 8.00 -57.99
CA MET C 122 10.49 9.11 -57.66
C MET C 122 9.77 10.44 -57.41
N TRP C 123 8.45 10.41 -57.28
CA TRP C 123 7.72 11.65 -57.02
C TRP C 123 8.10 12.21 -55.65
N ARG C 124 8.13 13.54 -55.56
CA ARG C 124 8.63 14.23 -54.35
C ARG C 124 7.58 15.18 -53.78
N LYS C 125 7.01 16.01 -54.65
CA LYS C 125 6.16 17.13 -54.26
C LYS C 125 4.75 16.70 -53.89
N THR C 126 3.90 17.67 -53.57
CA THR C 126 2.47 17.41 -53.46
C THR C 126 1.92 17.14 -54.86
N ARG C 127 0.60 16.99 -54.97
CA ARG C 127 0.00 16.70 -56.27
C ARG C 127 -1.02 17.75 -56.69
N SER C 128 -0.91 18.95 -56.14
CA SER C 128 -1.85 20.03 -56.46
C SER C 128 -1.53 20.66 -57.81
N THR C 129 -2.56 21.26 -58.40
CA THR C 129 -2.44 21.94 -59.68
C THR C 129 -1.78 23.31 -59.51
N ASN C 130 -1.13 23.78 -60.57
CA ASN C 130 -0.49 25.09 -60.57
C ASN C 130 -1.06 25.96 -61.68
N ALA C 131 -1.37 27.21 -61.35
CA ALA C 131 -2.09 28.09 -62.25
C ALA C 131 -1.34 28.29 -63.57
N GLY C 132 -1.98 27.92 -64.68
CA GLY C 132 -1.43 28.24 -65.98
C GLY C 132 -0.23 27.39 -66.39
N THR C 133 -0.15 26.17 -65.86
CA THR C 133 0.87 25.23 -66.30
C THR C 133 0.40 23.81 -66.07
N THR C 134 0.89 22.88 -66.88
CA THR C 134 0.55 21.48 -66.72
C THR C 134 1.36 20.84 -65.60
N CYS C 135 2.39 21.54 -65.15
CA CYS C 135 3.26 21.00 -64.11
C CYS C 135 2.58 20.94 -62.76
N ILE C 136 2.78 19.83 -62.07
CA ILE C 136 2.05 19.51 -60.84
C ILE C 136 2.95 19.62 -59.62
N GLY C 137 2.42 20.19 -58.55
CA GLY C 137 3.00 20.00 -57.24
C GLY C 137 3.89 21.10 -56.71
N THR C 138 3.92 21.19 -55.39
CA THR C 138 4.78 22.13 -54.66
C THR C 138 5.64 21.31 -53.71
N ASP C 139 6.87 21.75 -53.50
CA ASP C 139 7.74 21.11 -52.52
C ASP C 139 7.30 21.55 -51.14
N PRO C 140 6.75 20.62 -50.33
CA PRO C 140 6.24 21.03 -49.02
C PRO C 140 7.31 21.60 -48.10
N ASN C 141 8.55 21.14 -48.28
CA ASN C 141 9.63 21.62 -47.42
C ASN C 141 10.29 22.87 -47.97
N ARG C 142 9.58 23.55 -48.89
CA ARG C 142 9.92 24.91 -49.29
C ARG C 142 8.72 25.83 -49.12
N ASN C 143 7.66 25.33 -48.46
CA ASN C 143 6.37 26.00 -48.48
C ASN C 143 6.01 26.61 -47.13
N PHE C 144 6.97 26.64 -46.21
CA PHE C 144 6.73 27.23 -44.89
C PHE C 144 7.28 28.65 -44.77
N ASP C 145 6.72 29.40 -43.83
CA ASP C 145 7.03 30.82 -43.72
C ASP C 145 8.34 31.07 -42.98
N ALA C 146 9.43 30.54 -43.53
CA ALA C 146 10.75 30.79 -42.98
C ALA C 146 11.69 31.27 -44.08
N GLY C 147 11.96 32.57 -44.11
CA GLY C 147 12.66 33.15 -45.24
C GLY C 147 12.11 32.63 -46.55
N TRP C 148 10.79 32.54 -46.64
CA TRP C 148 10.13 31.78 -47.71
C TRP C 148 10.67 32.07 -49.12
N CYS C 149 11.10 31.00 -49.79
CA CYS C 149 11.54 31.01 -51.18
C CYS C 149 12.74 31.90 -51.49
N THR C 150 13.46 32.34 -50.46
CA THR C 150 14.57 33.27 -50.67
C THR C 150 15.84 32.61 -51.18
N THR C 151 15.99 31.31 -50.92
CA THR C 151 17.16 30.59 -51.41
C THR C 151 16.93 29.08 -51.45
N GLY C 152 17.59 28.41 -52.40
CA GLY C 152 17.51 26.96 -52.45
C GLY C 152 16.16 26.43 -52.86
N ALA C 153 15.35 27.29 -53.47
CA ALA C 153 14.00 26.93 -53.89
C ALA C 153 13.75 27.49 -55.28
N SER C 154 12.90 26.82 -56.05
CA SER C 154 12.59 27.29 -57.39
C SER C 154 11.24 28.01 -57.43
N THR C 155 11.14 29.02 -58.30
CA THR C 155 9.88 29.71 -58.54
C THR C 155 9.15 29.09 -59.73
N ASP C 156 9.75 28.05 -60.31
CA ASP C 156 9.19 27.37 -61.47
C ASP C 156 8.42 26.13 -61.01
N PRO C 157 7.11 26.08 -61.28
CA PRO C 157 6.29 24.97 -60.76
C PRO C 157 6.67 23.63 -61.35
N CYS C 158 7.45 23.64 -62.43
CA CYS C 158 7.90 22.41 -63.07
C CYS C 158 9.10 21.80 -62.37
N ASP C 159 9.64 22.51 -61.38
CA ASP C 159 10.83 22.07 -60.68
C ASP C 159 10.52 21.35 -59.37
N GLU C 160 11.41 20.43 -58.99
CA GLU C 160 11.23 19.59 -57.80
C GLU C 160 11.18 20.38 -56.49
N THR C 161 11.77 21.58 -56.50
CA THR C 161 11.85 22.38 -55.29
C THR C 161 10.97 23.63 -55.36
N TYR C 162 9.95 23.58 -56.21
CA TYR C 162 9.02 24.70 -56.35
C TYR C 162 8.48 25.11 -54.99
N CYS C 163 8.55 26.40 -54.68
CA CYS C 163 8.23 26.85 -53.34
C CYS C 163 6.76 27.20 -53.18
N GLY C 164 6.02 27.15 -54.28
CA GLY C 164 4.59 27.45 -54.22
C GLY C 164 4.29 28.90 -54.53
N SER C 165 3.01 29.23 -54.60
CA SER C 165 2.58 30.59 -54.92
C SER C 165 2.77 31.51 -53.72
N ALA C 166 2.81 30.92 -52.54
CA ALA C 166 3.00 31.67 -51.30
C ALA C 166 3.22 30.66 -50.18
N ALA C 167 3.77 31.10 -49.06
CA ALA C 167 3.91 30.22 -47.90
C ALA C 167 2.55 29.63 -47.56
N GLU C 168 2.53 28.33 -47.25
CA GLU C 168 1.32 27.62 -46.84
C GLU C 168 0.23 27.65 -47.91
N SER C 169 0.64 27.76 -49.17
CA SER C 169 -0.28 27.67 -50.29
C SER C 169 -0.89 26.28 -50.40
N GLU C 170 -0.19 25.27 -49.89
CA GLU C 170 -0.68 23.89 -49.97
C GLU C 170 -1.59 23.59 -48.78
N LYS C 171 -2.66 22.84 -49.03
CA LYS C 171 -3.55 22.44 -47.94
C LYS C 171 -2.78 21.69 -46.86
N GLU C 172 -1.83 20.85 -47.28
CA GLU C 172 -1.14 19.97 -46.34
C GLU C 172 -0.25 20.77 -45.39
N THR C 173 0.47 21.74 -45.93
CA THR C 173 1.40 22.51 -45.12
C THR C 173 0.67 23.54 -44.27
N LYS C 174 -0.40 24.12 -44.83
CA LYS C 174 -1.25 25.01 -44.04
C LYS C 174 -1.88 24.26 -42.87
N ALA C 175 -2.29 23.02 -43.11
CA ALA C 175 -2.88 22.20 -42.06
C ALA C 175 -1.87 21.94 -40.94
N LEU C 176 -0.65 21.60 -41.32
CA LEU C 176 0.41 21.33 -40.36
C LEU C 176 0.78 22.60 -39.61
N ALA C 177 0.93 23.70 -40.33
CA ALA C 177 1.28 24.97 -39.70
C ALA C 177 0.14 25.40 -38.76
N ASP C 178 -1.10 25.25 -39.22
CA ASP C 178 -2.25 25.59 -38.37
C ASP C 178 -2.22 24.78 -37.08
N PHE C 179 -1.98 23.47 -37.19
CA PHE C 179 -1.97 22.61 -36.01
C PHE C 179 -0.90 23.01 -35.02
N ILE C 180 0.32 23.24 -35.51
CA ILE C 180 1.41 23.60 -34.63
C ILE C 180 1.18 24.97 -33.99
N ARG C 181 0.75 25.94 -34.78
CA ARG C 181 0.39 27.25 -34.22
C ARG C 181 -0.71 27.12 -33.17
N ASN C 182 -1.68 26.24 -33.42
CA ASN C 182 -2.79 26.07 -32.49
C ASN C 182 -2.38 25.29 -31.25
N ASN C 183 -1.20 24.68 -31.28
CA ASN C 183 -0.77 23.82 -30.19
C ASN C 183 0.62 24.16 -29.64
N LEU C 184 1.03 25.41 -29.80
CA LEU C 184 2.30 25.85 -29.22
C LEU C 184 2.27 25.75 -27.70
N SER C 185 1.06 25.60 -27.16
CA SER C 185 0.88 25.42 -25.72
C SER C 185 1.52 24.12 -25.23
N SER C 186 1.62 23.13 -26.11
CA SER C 186 2.19 21.85 -25.72
C SER C 186 3.53 21.54 -26.40
N ILE C 187 3.64 21.83 -27.68
CA ILE C 187 4.77 21.34 -28.47
C ILE C 187 6.09 22.02 -28.11
N LYS C 188 7.02 21.24 -27.55
CA LYS C 188 8.31 21.76 -27.10
C LYS C 188 9.47 21.28 -27.98
N ALA C 189 9.22 20.32 -28.86
CA ALA C 189 10.22 19.92 -29.84
C ALA C 189 9.56 19.49 -31.14
N TYR C 190 10.25 19.74 -32.24
CA TYR C 190 9.74 19.39 -33.56
C TYR C 190 10.76 18.50 -34.26
N LEU C 191 10.30 17.34 -34.74
CA LEU C 191 11.17 16.39 -35.42
C LEU C 191 10.56 16.05 -36.77
N THR C 192 11.32 16.24 -37.84
CA THR C 192 10.80 15.97 -39.17
C THR C 192 11.71 14.98 -39.90
N ILE C 193 11.12 13.88 -40.38
CA ILE C 193 11.90 12.73 -40.82
C ILE C 193 11.95 12.64 -42.34
N HIS C 194 13.16 12.67 -42.90
CA HIS C 194 13.39 12.56 -44.34
C HIS C 194 14.42 11.44 -44.58
N SER C 195 14.70 11.16 -45.85
CA SER C 195 15.88 10.39 -46.24
C SER C 195 16.31 10.92 -47.62
N TYR C 196 17.53 10.59 -48.06
CA TYR C 196 18.51 9.81 -47.31
C TYR C 196 19.72 10.73 -47.06
N SER C 197 20.74 10.18 -46.40
CA SER C 197 22.05 10.83 -46.24
C SER C 197 22.66 10.62 -44.87
N GLN C 198 21.87 10.09 -43.94
CA GLN C 198 22.34 9.82 -42.60
C GLN C 198 22.89 11.09 -41.94
N MET C 199 21.97 12.01 -41.65
CA MET C 199 22.32 13.27 -41.01
C MET C 199 21.27 13.66 -39.97
N ILE C 200 21.71 14.41 -38.97
CA ILE C 200 20.80 15.18 -38.13
C ILE C 200 21.07 16.66 -38.37
N LEU C 201 20.05 17.37 -38.82
CA LEU C 201 20.17 18.80 -39.10
C LEU C 201 19.40 19.62 -38.07
N TYR C 202 19.93 20.78 -37.70
CA TYR C 202 19.18 21.77 -36.94
C TYR C 202 19.25 23.13 -37.63
N PRO C 203 18.47 24.11 -37.17
CA PRO C 203 18.45 25.41 -37.86
C PRO C 203 19.82 26.11 -37.83
N TYR C 204 20.06 27.02 -38.78
CA TYR C 204 19.08 27.39 -39.80
C TYR C 204 19.43 26.80 -41.17
N SER C 205 18.42 26.66 -42.01
CA SER C 205 18.63 26.29 -43.40
C SER C 205 18.33 27.44 -44.38
N TYR C 206 17.47 28.38 -43.99
CA TYR C 206 17.15 29.48 -44.90
C TYR C 206 18.21 30.56 -44.89
N ASP C 207 19.14 30.48 -43.94
CA ASP C 207 20.23 31.46 -43.84
C ASP C 207 21.41 30.84 -43.11
N TYR C 208 22.59 31.41 -43.30
CA TYR C 208 23.80 30.91 -42.65
C TYR C 208 23.93 31.34 -41.18
N LYS C 209 23.02 32.19 -40.74
CA LYS C 209 23.01 32.60 -39.33
C LYS C 209 22.74 31.39 -38.45
N LEU C 210 23.19 31.44 -37.21
CA LEU C 210 23.00 30.34 -36.28
C LEU C 210 21.92 30.65 -35.25
N PRO C 211 21.20 29.62 -34.79
CA PRO C 211 20.20 29.81 -33.71
C PRO C 211 20.90 30.18 -32.41
N GLU C 212 20.17 30.86 -31.52
CA GLU C 212 20.73 31.26 -30.22
C GLU C 212 21.38 30.08 -29.50
N ASN C 213 20.69 28.95 -29.48
CA ASN C 213 21.17 27.79 -28.72
C ASN C 213 21.90 26.79 -29.60
N ASN C 214 22.72 27.28 -30.52
CA ASN C 214 23.39 26.40 -31.49
C ASN C 214 24.34 25.42 -30.81
N ALA C 215 25.02 25.85 -29.75
CA ALA C 215 25.92 24.95 -29.04
C ALA C 215 25.14 23.83 -28.37
N GLU C 216 23.97 24.15 -27.84
CA GLU C 216 23.12 23.14 -27.21
C GLU C 216 22.62 22.14 -28.25
N LEU C 217 22.22 22.64 -29.41
CA LEU C 217 21.70 21.77 -30.47
C LEU C 217 22.82 20.91 -31.05
N ASN C 218 24.00 21.50 -31.23
CA ASN C 218 25.11 20.75 -31.79
C ASN C 218 25.51 19.62 -30.85
N ASN C 219 25.55 19.90 -29.56
CA ASN C 219 25.92 18.90 -28.57
C ASN C 219 24.89 17.78 -28.50
N LEU C 220 23.62 18.14 -28.64
CA LEU C 220 22.54 17.17 -28.62
C LEU C 220 22.60 16.27 -29.85
N ALA C 221 22.82 16.86 -31.02
CA ALA C 221 22.94 16.09 -32.24
C ALA C 221 24.16 15.17 -32.12
N LYS C 222 25.25 15.70 -31.59
CA LYS C 222 26.47 14.94 -31.42
C LYS C 222 26.22 13.68 -30.58
N ALA C 223 25.51 13.85 -29.46
CA ALA C 223 25.27 12.73 -28.58
C ALA C 223 24.28 11.74 -29.20
N ALA C 224 23.28 12.27 -29.91
CA ALA C 224 22.28 11.43 -30.55
C ALA C 224 22.87 10.56 -31.65
N VAL C 225 23.82 11.10 -32.43
CA VAL C 225 24.43 10.31 -33.49
C VAL C 225 25.33 9.21 -32.92
N LYS C 226 25.95 9.49 -31.78
CA LYS C 226 26.74 8.48 -31.10
C LYS C 226 25.84 7.34 -30.61
N GLU C 227 24.71 7.70 -30.02
CA GLU C 227 23.75 6.71 -29.55
C GLU C 227 23.28 5.84 -30.73
N LEU C 228 23.03 6.48 -31.87
CA LEU C 228 22.52 5.77 -33.03
C LEU C 228 23.55 4.74 -33.52
N ALA C 229 24.82 5.10 -33.47
CA ALA C 229 25.88 4.25 -33.98
C ALA C 229 26.11 2.97 -33.16
N THR C 230 25.64 2.96 -31.92
CA THR C 230 25.96 1.85 -31.01
C THR C 230 25.35 0.53 -31.46
N LEU C 231 24.35 0.59 -32.32
CA LEU C 231 23.60 -0.61 -32.69
C LEU C 231 24.23 -1.37 -33.85
N TYR C 232 24.46 -0.67 -34.96
CA TYR C 232 24.97 -1.29 -36.18
C TYR C 232 26.19 -0.57 -36.74
N GLY C 233 26.60 0.48 -36.05
CA GLY C 233 27.79 1.20 -36.46
C GLY C 233 27.54 2.22 -37.55
N THR C 234 26.27 2.52 -37.79
CA THR C 234 25.88 3.47 -38.83
C THR C 234 26.34 4.88 -38.51
N LYS C 235 26.98 5.54 -39.48
CA LYS C 235 27.60 6.84 -39.28
C LYS C 235 26.73 7.98 -39.77
N TYR C 236 26.30 8.84 -38.85
CA TYR C 236 25.59 10.07 -39.17
C TYR C 236 26.49 11.29 -39.00
N THR C 237 26.33 12.27 -39.88
CA THR C 237 26.91 13.58 -39.65
C THR C 237 25.81 14.53 -39.18
N TYR C 238 26.20 15.72 -38.76
CA TYR C 238 25.24 16.65 -38.18
C TYR C 238 25.71 18.10 -38.23
N GLY C 239 24.76 19.02 -38.14
CA GLY C 239 25.10 20.43 -38.09
C GLY C 239 23.96 21.28 -38.57
N PRO C 240 24.18 22.60 -38.70
CA PRO C 240 23.17 23.52 -39.24
C PRO C 240 22.81 23.09 -40.66
N GLY C 241 21.53 23.15 -41.00
CA GLY C 241 21.11 22.71 -42.32
C GLY C 241 21.83 23.42 -43.45
N ALA C 242 22.02 24.73 -43.31
CA ALA C 242 22.56 25.54 -44.41
C ALA C 242 23.95 25.08 -44.82
N THR C 243 24.76 24.69 -43.86
CA THR C 243 26.15 24.32 -44.13
C THR C 243 26.36 22.80 -44.21
N THR C 244 25.39 22.04 -43.73
CA THR C 244 25.53 20.59 -43.70
C THR C 244 24.96 19.94 -44.95
N ILE C 245 23.90 20.52 -45.49
CA ILE C 245 23.47 20.20 -46.85
C ILE C 245 23.68 21.41 -47.74
N TYR C 246 22.76 22.36 -47.68
CA TYR C 246 22.86 23.58 -48.48
C TYR C 246 21.70 24.49 -48.09
N PRO C 247 21.86 25.80 -48.26
CA PRO C 247 20.75 26.69 -47.88
C PRO C 247 19.47 26.32 -48.62
N ALA C 248 18.38 26.19 -47.86
CA ALA C 248 17.10 25.82 -48.42
C ALA C 248 16.01 26.45 -47.57
N ALA C 249 15.39 27.51 -48.11
CA ALA C 249 14.42 28.29 -47.37
C ALA C 249 13.05 27.61 -47.36
N GLY C 250 12.20 28.03 -46.42
CA GLY C 250 10.85 27.54 -46.39
C GLY C 250 10.69 26.16 -45.77
N GLY C 251 11.70 25.74 -45.01
CA GLY C 251 11.63 24.43 -44.36
C GLY C 251 10.83 24.45 -43.09
N SER C 252 10.19 23.33 -42.77
CA SER C 252 9.30 23.29 -41.61
C SER C 252 10.07 23.37 -40.30
N ASP C 253 11.29 22.83 -40.28
CA ASP C 253 12.08 22.86 -39.06
C ASP C 253 12.53 24.27 -38.67
N ASP C 254 12.93 25.09 -39.64
CA ASP C 254 13.25 26.49 -39.36
C ASP C 254 12.00 27.23 -38.91
N TRP C 255 10.89 26.95 -39.57
CA TRP C 255 9.65 27.63 -39.22
C TRP C 255 9.24 27.31 -37.79
N ALA C 256 9.30 26.03 -37.43
CA ALA C 256 8.94 25.61 -36.08
C ALA C 256 9.86 26.28 -35.07
N TYR C 257 11.14 26.34 -35.40
CA TYR C 257 12.12 26.94 -34.49
C TYR C 257 11.77 28.41 -34.22
N ASP C 258 11.37 29.14 -35.25
CA ASP C 258 11.07 30.56 -35.09
C ASP C 258 9.71 30.80 -34.46
N GLN C 259 8.94 29.75 -34.27
CA GLN C 259 7.73 29.80 -33.44
C GLN C 259 8.10 29.65 -31.96
N GLY C 260 9.38 29.45 -31.69
CA GLY C 260 9.83 29.31 -30.31
C GLY C 260 10.05 27.87 -29.87
N ILE C 261 9.93 26.93 -30.80
CA ILE C 261 10.19 25.52 -30.49
C ILE C 261 11.71 25.29 -30.60
N LYS C 262 12.38 25.38 -29.46
CA LYS C 262 13.84 25.50 -29.42
C LYS C 262 14.58 24.24 -29.84
N TYR C 263 13.87 23.11 -29.82
CA TYR C 263 14.45 21.85 -30.22
C TYR C 263 13.79 21.40 -31.50
N SER C 264 14.45 21.66 -32.62
CA SER C 264 13.90 21.40 -33.93
C SER C 264 14.96 20.70 -34.77
N PHE C 265 14.63 19.52 -35.28
CA PHE C 265 15.61 18.71 -36.02
C PHE C 265 15.00 18.10 -37.27
N THR C 266 15.80 18.05 -38.34
CA THR C 266 15.49 17.22 -39.49
C THR C 266 16.39 15.99 -39.46
N PHE C 267 15.80 14.81 -39.54
CA PHE C 267 16.57 13.58 -39.71
C PHE C 267 16.62 13.18 -41.18
N GLU C 268 17.80 12.80 -41.66
CA GLU C 268 17.95 12.14 -42.94
C GLU C 268 18.41 10.71 -42.66
N LEU C 269 17.55 9.74 -42.93
CA LEU C 269 17.85 8.35 -42.59
C LEU C 269 18.76 7.69 -43.62
N ARG C 270 18.88 6.36 -43.56
CA ARG C 270 19.72 5.61 -44.50
C ARG C 270 19.21 5.76 -45.93
N ASP C 271 20.08 5.52 -46.93
CA ASP C 271 21.49 5.25 -46.68
C ASP C 271 22.33 6.45 -47.12
N LYS C 272 23.48 6.20 -47.73
CA LYS C 272 24.33 7.29 -48.19
C LYS C 272 24.40 7.35 -49.72
N GLY C 273 23.50 6.63 -50.38
CA GLY C 273 23.38 6.76 -51.82
C GLY C 273 23.43 5.48 -52.63
N ARG C 274 23.82 4.38 -52.00
CA ARG C 274 23.89 3.10 -52.71
C ARG C 274 22.52 2.74 -53.26
N TYR C 275 21.51 2.83 -52.40
CA TYR C 275 20.13 2.58 -52.82
C TYR C 275 19.32 3.88 -52.83
N GLY C 276 19.79 4.88 -52.09
CA GLY C 276 19.13 6.17 -52.10
C GLY C 276 17.72 6.12 -51.54
N PHE C 277 16.75 6.60 -52.31
CA PHE C 277 15.36 6.58 -51.87
C PHE C 277 14.76 5.18 -51.89
N ILE C 278 15.34 4.29 -52.69
CA ILE C 278 14.79 2.94 -52.82
C ILE C 278 15.51 2.00 -51.85
N LEU C 279 15.40 2.30 -50.56
CA LEU C 279 16.06 1.50 -49.53
C LEU C 279 15.39 0.14 -49.45
N PRO C 280 16.19 -0.93 -49.52
CA PRO C 280 15.62 -2.27 -49.48
C PRO C 280 14.81 -2.53 -48.20
N GLU C 281 13.70 -3.24 -48.35
CA GLU C 281 12.85 -3.53 -47.20
C GLU C 281 13.64 -4.28 -46.13
N SER C 282 14.68 -5.00 -46.54
CA SER C 282 15.48 -5.78 -45.60
C SER C 282 16.30 -4.91 -44.65
N GLN C 283 16.38 -3.61 -44.95
CA GLN C 283 17.05 -2.67 -44.07
C GLN C 283 16.10 -1.88 -43.19
N ILE C 284 14.79 -2.09 -43.35
CA ILE C 284 13.83 -1.29 -42.60
C ILE C 284 14.02 -1.46 -41.09
N GLN C 285 14.08 -2.70 -40.63
CA GLN C 285 14.17 -2.96 -39.19
C GLN C 285 15.39 -2.30 -38.56
N ALA C 286 16.57 -2.59 -39.12
CA ALA C 286 17.81 -2.05 -38.58
C ALA C 286 17.81 -0.53 -38.61
N THR C 287 17.31 0.04 -39.70
CA THR C 287 17.27 1.49 -39.85
C THR C 287 16.40 2.11 -38.76
N CYS C 288 15.23 1.53 -38.53
CA CYS C 288 14.31 2.07 -37.54
C CYS C 288 14.82 1.87 -36.11
N GLU C 289 15.44 0.73 -35.85
CA GLU C 289 15.95 0.46 -34.52
C GLU C 289 17.05 1.45 -34.10
N GLU C 290 17.99 1.72 -35.00
CA GLU C 290 19.07 2.64 -34.65
C GLU C 290 18.54 4.07 -34.53
N THR C 291 17.59 4.43 -35.39
CA THR C 291 16.98 5.76 -35.36
C THR C 291 16.24 5.97 -34.04
N MET C 292 15.57 4.93 -33.57
CA MET C 292 14.86 5.00 -32.29
C MET C 292 15.77 5.46 -31.15
N LEU C 293 17.03 5.04 -31.18
CA LEU C 293 17.95 5.41 -30.10
C LEU C 293 18.24 6.90 -30.13
N ALA C 294 18.39 7.46 -31.32
CA ALA C 294 18.64 8.89 -31.42
C ALA C 294 17.40 9.67 -30.98
N ILE C 295 16.23 9.22 -31.42
CA ILE C 295 14.98 9.89 -31.11
C ILE C 295 14.72 9.88 -29.60
N LYS C 296 14.91 8.73 -28.96
CA LYS C 296 14.70 8.63 -27.53
C LYS C 296 15.71 9.45 -26.75
N TYR C 297 16.94 9.55 -27.25
CA TYR C 297 17.95 10.36 -26.57
C TYR C 297 17.52 11.82 -26.59
N VAL C 298 17.06 12.30 -27.74
CA VAL C 298 16.57 13.67 -27.86
C VAL C 298 15.37 13.87 -26.96
N THR C 299 14.44 12.92 -26.97
CA THR C 299 13.24 13.01 -26.16
C THR C 299 13.59 13.12 -24.68
N ASN C 300 14.54 12.32 -24.23
CA ASN C 300 14.96 12.34 -22.83
C ASN C 300 15.52 13.71 -22.44
N TYR C 301 16.25 14.34 -23.36
CA TYR C 301 16.80 15.66 -23.10
C TYR C 301 15.70 16.71 -22.99
N VAL C 302 14.80 16.72 -23.98
CA VAL C 302 13.71 17.68 -23.99
C VAL C 302 12.86 17.57 -22.73
N LEU C 303 12.68 16.34 -22.26
CA LEU C 303 11.90 16.08 -21.05
C LEU C 303 12.39 16.98 -19.92
N GLY C 304 13.71 17.10 -19.79
CA GLY C 304 14.28 17.90 -18.72
C GLY C 304 14.59 19.34 -19.09
N HIS C 305 14.06 19.80 -20.21
CA HIS C 305 14.29 21.17 -20.65
C HIS C 305 13.03 21.76 -21.29
N LEU C 306 11.89 21.58 -20.64
CA LEU C 306 10.62 22.03 -21.16
C LEU C 306 10.46 23.55 -21.01
ZN ZN D . -7.42 -17.69 29.07
C49 983 E . 2.65 -17.99 27.58
C50 983 E . 2.59 -19.04 26.63
C51 983 E . 2.40 -20.38 27.07
C52 983 E . 2.28 -20.66 28.45
C53 983 E . 2.34 -19.61 29.40
C48 983 E . 2.52 -18.28 28.98
C47 983 E . 2.58 -17.24 29.91
O46 983 E . 2.09 -15.91 29.58
C44 983 E . 0.73 -15.70 29.79
O45 983 E . 0.01 -16.60 30.28
N43 983 E . 0.25 -14.50 29.45
C34 983 E . -1.16 -14.10 29.62
C35 983 E . -1.24 -12.69 30.22
C36 983 E . -0.61 -12.57 31.64
C37 983 E . -0.61 -13.68 32.55
C38 983 E . -0.10 -13.52 33.86
C41 983 E . 0.42 -12.27 34.27
C40 983 E . 0.43 -11.17 33.37
C39 983 E . -0.08 -11.33 32.06
C33 983 E . -1.91 -14.10 28.28
S32 983 E . -1.97 -15.74 27.48
O32 983 E . -3.05 -15.72 26.44
O33 983 E . -0.65 -16.01 26.82
N31 983 E . -2.28 -16.90 28.59
C27 983 E . -3.34 -17.83 28.49
C28 983 E . -2.81 -19.29 28.43
C30 983 E . -1.88 -19.66 29.60
C29 983 E . -2.07 -19.53 27.11
P24 983 E . -4.65 -17.49 29.75
O25 983 E . -5.60 -18.61 29.76
O26 983 E . -5.16 -16.14 29.40
C15 983 E . -3.81 -17.42 31.37
C1 983 E . -4.74 -16.77 32.43
C2 983 E . -4.93 -15.26 32.20
O14 983 E . -6.04 -14.79 32.53
O13 983 E . -3.97 -14.61 31.73
C3 983 E . -4.19 -16.98 33.85
C8 983 E . -5.06 -17.53 34.83
C4 983 E . -2.88 -16.54 34.23
C5 983 E . -2.45 -16.65 35.57
C6 983 E . -3.33 -17.20 36.55
C7 983 E . -4.63 -17.64 36.17
C9 983 E . -5.58 -18.22 37.22
N10 983 E . -6.55 -17.20 37.62
ZN ZN F . 5.82 2.60 -0.20
C49 983 G . 10.59 0.40 -9.71
C50 983 G . 11.71 -0.19 -9.09
C51 983 G . 12.40 0.52 -8.07
C52 983 G . 11.97 1.81 -7.69
C53 983 G . 10.85 2.40 -8.32
C48 983 G . 10.15 1.69 -9.32
C47 983 G . 9.02 2.26 -9.92
O46 983 G . 7.71 1.61 -9.79
C44 983 G . 7.00 1.94 -8.64
O45 983 G . 7.44 2.79 -7.85
N43 983 G . 5.83 1.30 -8.46
C34 983 G . 4.94 1.53 -7.28
C35 983 G . 3.49 1.70 -7.74
C36 983 G . 3.27 2.90 -8.70
C37 983 G . 3.87 4.17 -8.46
C38 983 G . 3.62 5.25 -9.34
C41 983 G . 2.77 5.06 -10.46
C40 983 G . 2.18 3.80 -10.71
C39 983 G . 2.43 2.72 -9.83
C33 983 G . 5.02 0.34 -6.33
S32 983 G . 6.67 0.11 -5.58
O32 983 G . 6.57 -0.81 -4.42
O33 983 G . 7.61 -0.47 -6.61
N31 983 G . 7.24 1.57 -5.09
C27 983 G . 7.74 1.85 -3.81
C28 983 G . 9.24 2.22 -3.86
C30 983 G . 9.57 3.34 -4.85
C29 983 G . 10.06 0.96 -4.24
P24 983 G . 6.67 3.06 -2.91
O25 983 G . 7.35 3.45 -1.66
O26 983 G . 5.35 2.38 -2.82
C15 983 G . 6.51 4.54 -3.97
C1 983 G . 5.31 5.40 -3.51
C2 983 G . 3.95 4.74 -3.85
O14 983 G . 3.02 4.92 -3.03
O13 983 G . 3.85 4.09 -4.91
C3 983 G . 5.32 6.80 -4.16
C8 983 G . 5.14 7.94 -3.33
C4 983 G . 5.37 6.96 -5.58
C5 983 G . 5.24 8.25 -6.15
C6 983 G . 5.05 9.38 -5.31
C7 983 G . 5.00 9.22 -3.91
C9 983 G . 4.76 10.43 -3.01
N10 983 G . 3.32 10.54 -2.71
ZN ZN H . 13.18 15.05 -48.03
C49 983 I . 22.63 15.10 -53.07
C50 983 I . 22.85 13.70 -53.06
C51 983 I . 22.93 13.01 -51.82
C52 983 I . 22.79 13.72 -50.60
C53 983 I . 22.57 15.12 -50.61
C48 983 I . 22.48 15.81 -51.85
C47 983 I . 22.24 17.19 -51.87
O46 983 I . 21.21 17.72 -52.76
C44 983 I . 19.94 17.83 -52.21
O45 983 I . 19.75 17.53 -51.02
N43 983 I . 18.96 18.25 -53.03
C34 983 I . 17.56 18.43 -52.61
C35 983 I . 17.04 19.79 -53.09
C36 983 I . 17.82 21.01 -52.54
C37 983 I . 18.39 21.00 -51.24
C38 983 I . 19.08 22.15 -50.75
C41 983 I . 19.18 23.31 -51.56
C40 983 I . 18.60 23.31 -52.85
C39 983 I . 17.93 22.17 -53.35
C33 983 I . 16.67 17.32 -53.18
S32 983 I . 17.11 15.68 -52.52
O32 983 I . 15.93 14.77 -52.72
O33 983 I . 18.29 15.13 -53.24
N31 983 I . 17.43 15.80 -50.92
C27 983 I . 16.86 14.97 -49.93
C28 983 I . 17.94 14.06 -49.25
C30 983 I . 19.11 14.84 -48.65
C29 983 I . 18.46 13.06 -50.29
P24 983 I . 15.79 15.95 -48.78
O25 983 I . 15.41 15.09 -47.65
O26 983 I . 14.71 16.47 -49.68
C15 983 I . 16.78 17.35 -48.18
C1 983 I . 15.87 18.45 -47.59
C2 983 I . 15.04 19.18 -48.68
O14 983 I . 13.89 19.52 -48.37
O13 983 I . 15.60 19.40 -49.78
C3 983 I . 16.66 19.51 -46.80
C8 983 I . 16.21 19.86 -45.50
C4 983 I . 17.77 20.19 -47.37
C5 983 I . 18.42 21.21 -46.65
C6 983 I . 17.97 21.56 -45.36
C7 983 I . 16.86 20.88 -44.79
C9 983 I . 16.36 21.29 -43.40
N10 983 I . 15.06 21.97 -43.54
#